data_4KHB
#
_entry.id   4KHB
#
_cell.length_a   85.391
_cell.length_b   128.082
_cell.length_c   132.329
_cell.angle_alpha   90.000
_cell.angle_beta   90.000
_cell.angle_gamma   90.000
#
_symmetry.space_group_name_H-M   'P 21 21 21'
#
loop_
_entity.id
_entity.type
_entity.pdbx_description
1 polymer 'Uncharacterized protein SPT16D'
2 polymer 'Uncharacterized protein POB3N'
3 non-polymer 'SULFATE ION'
4 water water
#
loop_
_entity_poly.entity_id
_entity_poly.type
_entity_poly.pdbx_seq_one_letter_code
_entity_poly.pdbx_strand_id
1 'polypeptide(L)'
;MEVKKFKRFESYKRDNQLPPKVRDMGIVIDQKNNTIVLPIMGRPVPFHINTIKNASKSDEGEWSFLRINFLSPGQGVGRK
DDQPFEDASAHFVRSLTFRSTDGDRYAEIANQISNLKREAVKREQEK
;
A,G,E,C
2 'polypeptide(L)'
;GSHMAAIESFDHIYLDLSKEPGKCRFAENGLGWKPVGGGETFTLDVSNIGGAQWSRAARGYEVKILQRTSGVIQLDGFQQ
EDYERLAKIFKNWYSTNLENKEHSLRGWNWGKAEFGKAELTFNVQNRPAFEIPYSEIANTNLAGRNEIAVEFAPGDHGKS
SQNGQVKSKKASASRDQLVEIRFYIPGTTTRKEAE
;
D,F,H,B
#
# COMPACT_ATOMS: atom_id res chain seq x y z
N LYS A 7 2.45 -3.25 46.83
CA LYS A 7 3.15 -3.46 45.58
C LYS A 7 2.57 -4.64 44.81
N ARG A 8 2.80 -5.83 45.36
CA ARG A 8 2.37 -7.07 44.74
C ARG A 8 0.86 -7.29 44.82
N PHE A 9 0.26 -7.51 43.65
CA PHE A 9 -1.16 -7.86 43.57
C PHE A 9 -1.31 -9.15 42.77
N GLU A 10 -2.50 -9.72 42.79
CA GLU A 10 -2.76 -11.00 42.15
C GLU A 10 -4.26 -11.19 41.95
N SER A 11 -4.67 -11.41 40.70
CA SER A 11 -6.08 -11.54 40.39
C SER A 11 -6.64 -12.85 40.94
N TYR A 12 -6.15 -13.96 40.39
CA TYR A 12 -6.64 -15.29 40.78
C TYR A 12 -5.48 -16.24 41.07
N LYS A 13 -5.75 -17.29 41.83
CA LYS A 13 -4.76 -18.31 42.14
C LYS A 13 -5.12 -19.60 41.41
N ARG A 14 -6.42 -19.83 41.23
CA ARG A 14 -6.92 -21.08 40.64
C ARG A 14 -7.96 -20.84 39.55
N ASP A 15 -8.08 -21.80 38.64
CA ASP A 15 -9.02 -21.72 37.52
C ASP A 15 -10.48 -21.60 37.99
N ASN A 16 -10.82 -22.31 39.06
CA ASN A 16 -12.20 -22.33 39.54
C ASN A 16 -12.67 -21.04 40.21
N GLN A 17 -11.77 -20.06 40.32
CA GLN A 17 -12.12 -18.77 40.89
C GLN A 17 -12.58 -17.79 39.82
N LEU A 18 -12.47 -18.21 38.56
CA LEU A 18 -12.95 -17.38 37.46
C LEU A 18 -14.47 -17.34 37.46
N PRO A 19 -15.05 -16.15 37.21
CA PRO A 19 -16.50 -15.97 37.15
C PRO A 19 -17.13 -16.87 36.08
N PRO A 20 -18.23 -17.56 36.41
CA PRO A 20 -18.82 -18.59 35.54
C PRO A 20 -19.22 -18.10 34.15
N LYS A 21 -19.52 -16.82 34.00
CA LYS A 21 -19.92 -16.27 32.70
C LYS A 21 -18.74 -16.15 31.75
N VAL A 22 -17.55 -16.47 32.24
CA VAL A 22 -16.35 -16.57 31.41
C VAL A 22 -16.55 -17.53 30.22
N ARG A 23 -17.36 -18.57 30.43
CA ARG A 23 -17.57 -19.59 29.40
C ARG A 23 -18.27 -19.09 28.15
N ASP A 24 -18.79 -17.86 28.19
CA ASP A 24 -19.50 -17.30 27.05
C ASP A 24 -18.55 -16.52 26.14
N MET A 25 -17.27 -16.53 26.49
CA MET A 25 -16.24 -15.82 25.72
C MET A 25 -16.53 -14.33 25.60
N GLY A 26 -17.07 -13.75 26.66
CA GLY A 26 -17.33 -12.32 26.66
C GLY A 26 -16.52 -11.60 27.71
N ILE A 27 -16.48 -10.28 27.61
CA ILE A 27 -15.82 -9.45 28.61
C ILE A 27 -16.54 -9.54 29.94
N VAL A 28 -15.79 -9.82 31.01
CA VAL A 28 -16.38 -9.94 32.34
C VAL A 28 -15.68 -9.04 33.34
N ILE A 29 -16.46 -8.25 34.09
CA ILE A 29 -15.89 -7.42 35.14
C ILE A 29 -16.10 -8.14 36.47
N ASP A 30 -15.02 -8.35 37.20
CA ASP A 30 -15.11 -9.00 38.49
C ASP A 30 -14.65 -7.99 39.52
N GLN A 31 -15.59 -7.13 39.92
CA GLN A 31 -15.30 -6.05 40.85
C GLN A 31 -14.77 -6.66 42.14
N LYS A 32 -15.20 -7.88 42.41
CA LYS A 32 -14.89 -8.56 43.64
C LYS A 32 -13.40 -8.79 43.82
N ASN A 33 -12.74 -9.12 42.73
CA ASN A 33 -11.34 -9.45 42.75
C ASN A 33 -10.49 -8.36 42.11
N ASN A 34 -11.09 -7.18 41.90
CA ASN A 34 -10.42 -6.03 41.29
C ASN A 34 -9.83 -6.40 39.95
N THR A 35 -10.61 -7.09 39.13
CA THR A 35 -10.08 -7.69 37.92
C THR A 35 -11.11 -7.66 36.80
N ILE A 36 -10.62 -7.44 35.58
CA ILE A 36 -11.42 -7.63 34.38
C ILE A 36 -10.90 -8.86 33.64
N VAL A 37 -11.79 -9.57 32.97
CA VAL A 37 -11.41 -10.79 32.25
C VAL A 37 -11.70 -10.63 30.76
N LEU A 38 -10.65 -10.66 29.95
CA LEU A 38 -10.79 -10.40 28.53
C LEU A 38 -10.67 -11.69 27.72
N PRO A 39 -11.58 -11.88 26.75
CA PRO A 39 -11.59 -13.09 25.92
C PRO A 39 -10.58 -12.98 24.77
N ILE A 40 -9.51 -13.75 24.85
CA ILE A 40 -8.48 -13.72 23.83
C ILE A 40 -8.24 -15.10 23.24
N MET A 41 -8.71 -15.28 22.00
CA MET A 41 -8.52 -16.52 21.24
C MET A 41 -9.04 -17.75 21.97
N GLY A 42 -10.19 -17.62 22.60
CA GLY A 42 -10.85 -18.74 23.23
C GLY A 42 -10.44 -18.90 24.67
N ARG A 43 -9.70 -17.92 25.18
CA ARG A 43 -9.16 -18.00 26.53
C ARG A 43 -9.53 -16.76 27.33
N PRO A 44 -10.10 -16.96 28.52
CA PRO A 44 -10.42 -15.88 29.45
C PRO A 44 -9.17 -15.37 30.14
N VAL A 45 -8.75 -14.15 29.82
CA VAL A 45 -7.51 -13.62 30.35
C VAL A 45 -7.76 -12.49 31.35
N PRO A 46 -7.32 -12.70 32.60
CA PRO A 46 -7.49 -11.72 33.68
C PRO A 46 -6.49 -10.57 33.56
N PHE A 47 -6.97 -9.35 33.82
CA PHE A 47 -6.08 -8.21 33.98
C PHE A 47 -6.50 -7.43 35.22
N HIS A 48 -5.57 -7.26 36.15
CA HIS A 48 -5.86 -6.59 37.41
C HIS A 48 -6.04 -5.10 37.18
N ILE A 49 -6.84 -4.45 38.02
CA ILE A 49 -7.15 -3.04 37.84
C ILE A 49 -5.92 -2.13 38.04
N ASN A 50 -4.97 -2.59 38.85
CA ASN A 50 -3.75 -1.84 39.12
C ASN A 50 -2.81 -1.80 37.91
N THR A 51 -3.21 -2.51 36.85
CA THR A 51 -2.43 -2.63 35.63
C THR A 51 -3.01 -1.70 34.57
N ILE A 52 -4.21 -1.20 34.81
CA ILE A 52 -4.98 -0.43 33.83
C ILE A 52 -4.89 1.08 34.01
N LYS A 53 -4.65 1.78 32.91
CA LYS A 53 -4.60 3.24 32.89
C LYS A 53 -6.00 3.84 32.75
N ASN A 54 -6.66 3.58 31.61
CA ASN A 54 -8.03 4.04 31.39
C ASN A 54 -8.79 3.16 30.40
N ALA A 55 -10.09 3.42 30.27
CA ALA A 55 -10.93 2.73 29.29
C ALA A 55 -11.84 3.71 28.57
N SER A 56 -11.96 3.55 27.25
CA SER A 56 -12.76 4.47 26.44
C SER A 56 -13.71 3.76 25.47
N LYS A 57 -14.93 4.28 25.36
CA LYS A 57 -15.91 3.78 24.41
C LYS A 57 -16.03 4.76 23.23
N SER A 58 -16.27 4.23 22.04
CA SER A 58 -16.47 5.06 20.86
C SER A 58 -17.39 4.35 19.88
N ASP A 59 -17.96 5.09 18.93
CA ASP A 59 -18.86 4.52 17.94
C ASP A 59 -18.42 4.90 16.54
N GLU A 60 -18.34 3.91 15.66
CA GLU A 60 -18.14 4.14 14.23
C GLU A 60 -19.12 3.30 13.44
N GLY A 61 -20.21 3.92 13.01
CA GLY A 61 -21.26 3.21 12.30
C GLY A 61 -22.10 2.38 13.24
N GLU A 62 -22.30 1.11 12.90
CA GLU A 62 -23.09 0.21 13.74
C GLU A 62 -22.22 -0.51 14.77
N TRP A 63 -20.91 -0.27 14.70
CA TRP A 63 -19.97 -0.90 15.62
C TRP A 63 -19.57 0.05 16.74
N SER A 64 -19.50 -0.46 17.96
CA SER A 64 -18.97 0.31 19.08
C SER A 64 -17.60 -0.25 19.47
N PHE A 65 -16.73 0.60 20.00
CA PHE A 65 -15.37 0.18 20.31
C PHE A 65 -14.97 0.44 21.76
N LEU A 66 -14.36 -0.56 22.37
CA LEU A 66 -13.84 -0.45 23.72
C LEU A 66 -12.32 -0.54 23.71
N ARG A 67 -11.65 0.57 24.03
CA ARG A 67 -10.20 0.54 24.13
C ARG A 67 -9.72 0.64 25.57
N ILE A 68 -8.98 -0.37 26.00
CA ILE A 68 -8.39 -0.38 27.32
C ILE A 68 -6.89 -0.09 27.23
N ASN A 69 -6.45 0.99 27.87
CA ASN A 69 -5.02 1.31 27.92
C ASN A 69 -4.40 0.88 29.24
N PHE A 70 -3.22 0.28 29.16
CA PHE A 70 -2.56 -0.25 30.35
C PHE A 70 -1.40 0.65 30.81
N LEU A 71 -1.00 0.49 32.07
CA LEU A 71 0.14 1.22 32.60
C LEU A 71 1.45 0.57 32.17
N SER A 72 2.31 1.36 31.54
CA SER A 72 3.58 0.89 31.01
C SER A 72 4.55 2.06 30.98
N PRO A 73 5.86 1.77 30.88
CA PRO A 73 6.84 2.83 30.68
C PRO A 73 6.47 3.72 29.49
N GLY A 74 6.35 5.02 29.73
CA GLY A 74 5.84 5.94 28.74
C GLY A 74 4.35 6.18 28.84
N GLN A 75 3.61 5.21 29.37
CA GLN A 75 2.17 5.34 29.50
C GLN A 75 1.72 5.27 30.96
N ARG A 79 9.24 5.54 31.46
CA ARG A 79 10.33 5.67 30.51
C ARG A 79 11.67 5.68 31.25
N LYS A 80 12.04 6.85 31.76
CA LYS A 80 13.21 6.99 32.61
C LYS A 80 13.05 8.29 33.42
N ASP A 81 13.10 8.20 34.74
CA ASP A 81 13.20 6.96 35.51
C ASP A 81 11.98 6.93 36.44
N ASP A 82 11.67 5.84 37.14
CA ASP A 82 12.19 4.47 36.97
C ASP A 82 11.07 3.53 37.45
N GLN A 83 11.22 2.22 37.28
CA GLN A 83 10.12 1.29 37.49
C GLN A 83 10.20 0.33 38.70
N PRO A 84 9.04 0.04 39.32
CA PRO A 84 8.87 -0.88 40.45
C PRO A 84 8.45 -2.31 40.08
N PHE A 85 8.74 -2.77 38.86
CA PHE A 85 8.36 -4.11 38.45
C PHE A 85 9.49 -5.11 38.69
N GLU A 86 10.66 -4.58 39.03
CA GLU A 86 11.88 -5.37 39.19
C GLU A 86 12.16 -6.19 37.93
N ASP A 87 11.81 -5.62 36.78
CA ASP A 87 12.03 -6.28 35.50
C ASP A 87 12.28 -5.20 34.45
N ALA A 88 13.54 -4.75 34.36
CA ALA A 88 13.91 -3.62 33.53
C ALA A 88 13.71 -3.87 32.04
N SER A 89 13.84 -5.14 31.64
CA SER A 89 13.75 -5.50 30.24
C SER A 89 12.37 -6.07 29.90
N ALA A 90 11.42 -5.84 30.79
CA ALA A 90 10.08 -6.41 30.63
C ALA A 90 9.34 -5.87 29.43
N HIS A 91 8.62 -6.75 28.74
CA HIS A 91 7.69 -6.32 27.70
C HIS A 91 6.34 -6.06 28.36
N PHE A 92 5.58 -5.13 27.82
CA PHE A 92 4.28 -4.79 28.41
C PHE A 92 3.17 -4.91 27.36
N VAL A 93 1.97 -5.27 27.81
CA VAL A 93 0.79 -5.08 26.99
C VAL A 93 0.40 -3.62 27.19
N ARG A 94 0.36 -2.84 26.11
CA ARG A 94 0.08 -1.42 26.21
C ARG A 94 -1.42 -1.15 26.09
N SER A 95 -2.05 -1.79 25.11
CA SER A 95 -3.48 -1.65 24.90
C SER A 95 -4.07 -2.78 24.05
N LEU A 96 -5.38 -2.95 24.15
CA LEU A 96 -6.12 -3.82 23.24
C LEU A 96 -7.50 -3.23 22.95
N THR A 97 -8.03 -3.50 21.76
CA THR A 97 -9.31 -2.95 21.34
C THR A 97 -10.30 -4.03 20.93
N PHE A 98 -11.52 -3.94 21.46
CA PHE A 98 -12.60 -4.83 21.07
C PHE A 98 -13.66 -4.03 20.33
N ARG A 99 -14.47 -4.73 19.54
CA ARG A 99 -15.61 -4.11 18.87
C ARG A 99 -16.86 -4.94 19.09
N SER A 100 -18.00 -4.26 19.21
CA SER A 100 -19.29 -4.93 19.32
C SER A 100 -20.42 -4.03 18.84
N THR A 101 -21.61 -4.60 18.70
CA THR A 101 -22.78 -3.84 18.30
C THR A 101 -23.56 -3.34 19.53
N ASP A 102 -23.24 -3.88 20.69
CA ASP A 102 -23.89 -3.47 21.93
C ASP A 102 -23.26 -2.18 22.46
N GLY A 103 -23.73 -1.05 21.95
CA GLY A 103 -23.21 0.25 22.35
C GLY A 103 -23.43 0.60 23.80
N ASP A 104 -24.56 0.18 24.35
CA ASP A 104 -24.89 0.46 25.75
C ASP A 104 -24.11 -0.42 26.70
N ARG A 105 -23.84 -1.65 26.30
CA ARG A 105 -23.04 -2.56 27.12
C ARG A 105 -21.61 -2.04 27.27
N TYR A 106 -21.03 -1.56 26.17
CA TYR A 106 -19.67 -1.03 26.20
C TYR A 106 -19.57 0.27 26.99
N ALA A 107 -20.67 1.04 26.99
CA ALA A 107 -20.72 2.27 27.76
C ALA A 107 -20.70 1.95 29.25
N GLU A 108 -21.41 0.89 29.64
CA GLU A 108 -21.43 0.43 31.02
C GLU A 108 -20.06 -0.07 31.45
N ILE A 109 -19.44 -0.88 30.60
CA ILE A 109 -18.12 -1.46 30.87
C ILE A 109 -17.07 -0.38 31.10
N ALA A 110 -17.04 0.62 30.22
CA ALA A 110 -16.09 1.73 30.35
C ALA A 110 -16.25 2.48 31.67
N ASN A 111 -17.50 2.62 32.11
CA ASN A 111 -17.80 3.32 33.36
C ASN A 111 -17.40 2.52 34.59
N GLN A 112 -17.68 1.22 34.58
CA GLN A 112 -17.31 0.33 35.66
C GLN A 112 -15.79 0.29 35.86
N ILE A 113 -15.06 0.27 34.75
CA ILE A 113 -13.59 0.24 34.79
C ILE A 113 -13.03 1.55 35.31
N SER A 114 -13.56 2.66 34.82
CA SER A 114 -13.14 3.99 35.27
C SER A 114 -13.44 4.16 36.75
N ASN A 115 -14.60 3.66 37.17
CA ASN A 115 -15.04 3.76 38.56
C ASN A 115 -14.21 2.88 39.48
N LEU A 116 -13.82 1.71 38.97
CA LEU A 116 -12.91 0.81 39.69
C LEU A 116 -11.52 1.44 39.80
N LYS A 117 -11.04 2.04 38.76
CA LYS A 117 -9.74 2.62 38.73
C LYS A 117 -9.54 3.72 39.74
N ARG A 118 -10.59 4.43 40.04
CA ARG A 118 -10.50 5.58 40.91
C ARG A 118 -10.37 5.22 42.39
N GLU A 119 -11.03 4.16 42.80
CA GLU A 119 -10.73 3.58 44.05
C GLU A 119 -9.34 3.05 44.05
N ALA A 120 -8.91 2.45 42.97
CA ALA A 120 -7.59 1.85 42.95
C ALA A 120 -6.54 2.89 43.16
N VAL A 121 -6.77 4.10 42.67
CA VAL A 121 -5.79 5.14 42.89
C VAL A 121 -5.98 5.96 44.16
N LYS A 122 -7.10 5.83 44.86
CA LYS A 122 -7.19 6.37 46.20
C LYS A 122 -6.06 5.78 47.05
N HIS B 3 15.70 11.66 18.95
CA HIS B 3 14.89 12.41 18.00
C HIS B 3 13.52 11.75 17.82
N MET B 4 13.08 11.55 16.58
CA MET B 4 11.80 10.89 16.33
C MET B 4 11.95 9.43 15.94
N ALA B 5 10.93 8.63 16.20
CA ALA B 5 10.95 7.21 15.86
C ALA B 5 10.85 7.07 14.35
N ALA B 6 11.08 5.86 13.83
CA ALA B 6 11.01 5.66 12.39
C ALA B 6 9.56 5.65 11.91
N ILE B 7 8.64 5.78 12.85
CA ILE B 7 7.22 5.93 12.55
C ILE B 7 6.60 6.81 13.64
N GLU B 8 5.88 7.84 13.22
CA GLU B 8 5.05 8.59 14.15
C GLU B 8 3.60 8.34 13.76
N SER B 9 2.84 7.76 14.68
CA SER B 9 1.50 7.27 14.37
C SER B 9 0.42 8.06 15.09
N PHE B 10 -0.74 8.14 14.46
CA PHE B 10 -1.87 8.88 15.01
C PHE B 10 -3.14 8.06 14.83
N ASP B 11 -3.95 7.98 15.89
CA ASP B 11 -5.14 7.14 15.85
C ASP B 11 -6.37 7.97 15.51
N HIS B 12 -7.41 7.30 15.03
CA HIS B 12 -8.69 7.95 14.77
C HIS B 12 -8.64 9.07 13.72
N ILE B 13 -8.06 8.78 12.57
CA ILE B 13 -7.93 9.77 11.50
C ILE B 13 -8.78 9.40 10.29
N TYR B 14 -9.50 10.38 9.74
CA TYR B 14 -10.32 10.18 8.56
C TYR B 14 -9.59 10.69 7.31
N LEU B 15 -9.57 9.87 6.25
CA LEU B 15 -8.92 10.27 5.00
C LEU B 15 -9.94 10.67 3.95
N ASP B 16 -9.85 11.91 3.48
CA ASP B 16 -10.71 12.44 2.42
C ASP B 16 -12.20 12.15 2.66
N LEU B 17 -12.68 12.48 3.86
CA LEU B 17 -14.07 12.31 4.25
C LEU B 17 -14.56 10.85 4.26
N SER B 18 -13.65 9.94 4.59
CA SER B 18 -14.02 8.53 4.77
C SER B 18 -14.97 8.39 5.94
N LYS B 19 -15.93 7.48 5.82
CA LYS B 19 -16.85 7.22 6.93
C LYS B 19 -16.15 6.48 8.06
N GLU B 20 -15.14 5.70 7.70
CA GLU B 20 -14.43 4.90 8.68
C GLU B 20 -13.08 5.53 8.99
N PRO B 21 -12.76 5.66 10.28
CA PRO B 21 -11.48 6.20 10.71
C PRO B 21 -10.38 5.19 10.47
N GLY B 22 -9.14 5.60 10.70
CA GLY B 22 -8.01 4.74 10.44
C GLY B 22 -6.75 5.25 11.12
N LYS B 23 -5.63 4.58 10.84
CA LYS B 23 -4.37 4.95 11.46
C LYS B 23 -3.50 5.71 10.47
N CYS B 24 -2.98 6.86 10.90
CA CYS B 24 -2.15 7.68 10.03
C CYS B 24 -0.71 7.52 10.46
N ARG B 25 0.12 7.04 9.55
CA ARG B 25 1.49 6.68 9.87
C ARG B 25 2.46 7.58 9.13
N PHE B 26 3.28 8.34 9.85
CA PHE B 26 4.26 9.20 9.20
C PHE B 26 5.66 8.61 9.29
N ALA B 27 6.37 8.63 8.16
CA ALA B 27 7.77 8.21 8.12
C ALA B 27 8.57 9.22 7.31
N GLU B 28 9.89 9.11 7.32
CA GLU B 28 10.77 9.99 6.55
C GLU B 28 10.43 10.01 5.06
N ASN B 29 9.97 8.88 4.55
CA ASN B 29 9.73 8.73 3.12
C ASN B 29 8.32 9.10 2.68
N GLY B 30 7.45 9.37 3.65
CA GLY B 30 6.09 9.75 3.35
C GLY B 30 5.11 9.22 4.39
N LEU B 31 3.92 9.06 4.11
CA LEU B 31 2.90 8.66 5.07
C LEU B 31 1.97 7.57 4.53
N GLY B 32 1.38 6.83 5.35
CA GLY B 32 0.46 5.77 4.95
C GLY B 32 -0.79 5.83 5.81
N TRP B 33 -1.94 5.54 5.21
CA TRP B 33 -3.19 5.50 5.96
C TRP B 33 -3.88 4.17 5.68
N LYS B 34 -4.30 3.48 6.75
CA LYS B 34 -4.98 2.20 6.66
C LYS B 34 -6.06 2.14 7.75
N PRO B 35 -7.31 1.87 7.35
CA PRO B 35 -8.37 1.76 8.37
C PRO B 35 -8.11 0.52 9.20
N VAL B 36 -8.44 0.52 10.49
CA VAL B 36 -8.21 -0.67 11.30
C VAL B 36 -9.16 -1.81 10.89
N GLY B 37 -8.58 -2.93 10.46
CA GLY B 37 -7.13 -3.06 10.34
C GLY B 37 -6.68 -4.49 10.05
N THR B 41 -5.03 0.45 1.79
CA THR B 41 -3.96 1.37 2.18
C THR B 41 -3.74 2.52 1.20
N PHE B 42 -3.41 3.69 1.74
CA PHE B 42 -3.12 4.88 0.94
C PHE B 42 -1.68 5.28 1.22
N THR B 43 -0.98 5.76 0.19
CA THR B 43 0.41 6.14 0.34
C THR B 43 0.69 7.48 -0.34
N LEU B 44 1.56 8.28 0.26
CA LEU B 44 1.99 9.54 -0.34
C LEU B 44 3.48 9.72 -0.09
N ASP B 45 4.26 9.75 -1.16
CA ASP B 45 5.71 9.85 -1.08
C ASP B 45 6.15 11.29 -0.76
N VAL B 46 7.25 11.42 -0.02
CA VAL B 46 7.76 12.73 0.38
C VAL B 46 8.02 13.65 -0.83
N SER B 47 8.35 13.04 -1.97
CA SER B 47 8.65 13.80 -3.18
C SER B 47 7.44 14.54 -3.74
N ASN B 48 6.24 14.09 -3.38
CA ASN B 48 5.02 14.72 -3.85
C ASN B 48 4.31 15.55 -2.76
N ILE B 49 5.08 16.02 -1.78
CA ILE B 49 4.55 16.90 -0.73
C ILE B 49 5.02 18.34 -0.94
N GLY B 50 4.10 19.22 -1.34
CA GLY B 50 4.43 20.59 -1.66
C GLY B 50 4.09 21.58 -0.57
N GLY B 51 3.14 21.20 0.30
CA GLY B 51 2.72 22.07 1.37
C GLY B 51 1.72 21.42 2.32
N ALA B 52 1.47 22.07 3.46
CA ALA B 52 0.57 21.51 4.46
C ALA B 52 -0.11 22.63 5.25
N GLN B 53 -1.39 22.46 5.52
CA GLN B 53 -2.16 23.45 6.26
C GLN B 53 -2.85 22.81 7.46
N TRP B 54 -2.90 23.56 8.56
CA TRP B 54 -3.51 23.09 9.78
C TRP B 54 -4.71 23.98 10.10
N SER B 55 -5.86 23.37 10.32
CA SER B 55 -7.07 24.13 10.65
C SER B 55 -8.12 23.29 11.35
N ARG B 56 -9.11 23.91 11.92
CA ARG B 56 -10.20 23.22 12.52
C ARG B 56 -11.14 22.73 11.46
N ALA B 57 -11.67 21.55 11.64
CA ALA B 57 -12.63 21.00 10.75
C ALA B 57 -13.76 20.30 11.47
N ALA B 58 -14.64 19.70 10.73
CA ALA B 58 -15.82 19.08 11.26
C ALA B 58 -15.49 17.97 12.27
N GLY B 60 -12.87 17.53 14.21
CA GLY B 60 -11.65 17.84 14.93
C GLY B 60 -10.72 18.69 14.10
N TYR B 61 -9.42 18.40 14.15
CA TYR B 61 -8.43 19.17 13.41
C TYR B 61 -7.94 18.48 12.15
N GLU B 62 -7.66 19.28 11.12
CA GLU B 62 -7.34 18.76 9.80
C GLU B 62 -5.94 19.15 9.35
N VAL B 63 -5.21 18.17 8.81
CA VAL B 63 -4.00 18.45 8.06
C VAL B 63 -4.33 18.33 6.58
N LYS B 64 -4.24 19.45 5.85
CA LYS B 64 -4.46 19.42 4.40
C LYS B 64 -3.11 19.41 3.71
N ILE B 65 -2.86 18.35 2.94
CA ILE B 65 -1.58 18.21 2.25
C ILE B 65 -1.69 18.57 0.78
N LEU B 66 -0.83 19.49 0.35
CA LEU B 66 -0.81 19.93 -1.04
C LEU B 66 0.26 19.16 -1.80
N GLN B 67 -0.17 18.42 -2.81
CA GLN B 67 0.76 17.66 -3.64
C GLN B 67 1.52 18.58 -4.58
N ARG B 68 2.70 18.17 -5.02
CA ARG B 68 3.46 18.92 -6.00
C ARG B 68 2.76 18.85 -7.35
N THR B 69 2.23 17.68 -7.66
CA THR B 69 1.27 17.54 -8.75
C THR B 69 -0.02 18.12 -8.20
N SER B 70 -1.03 18.34 -9.04
CA SER B 70 -2.22 19.03 -8.53
C SER B 70 -3.10 18.06 -7.74
N GLY B 71 -3.32 18.37 -6.46
CA GLY B 71 -4.16 17.54 -5.62
C GLY B 71 -4.11 17.89 -4.14
N VAL B 72 -5.18 17.57 -3.42
CA VAL B 72 -5.23 17.78 -1.97
C VAL B 72 -5.58 16.51 -1.22
N ILE B 73 -4.87 16.27 -0.12
CA ILE B 73 -5.14 15.15 0.76
C ILE B 73 -5.61 15.69 2.11
N GLN B 74 -6.82 15.33 2.51
CA GLN B 74 -7.39 15.81 3.76
C GLN B 74 -7.38 14.74 4.85
N LEU B 75 -6.67 15.03 5.94
CA LEU B 75 -6.61 14.15 7.10
C LEU B 75 -7.26 14.85 8.30
N ASP B 76 -8.44 14.37 8.69
CA ASP B 76 -9.17 14.97 9.79
C ASP B 76 -9.27 14.01 10.97
N GLY B 77 -9.50 14.55 12.17
CA GLY B 77 -9.63 13.75 13.36
C GLY B 77 -8.52 13.95 14.39
N PHE B 78 -7.58 14.84 14.09
CA PHE B 78 -6.49 15.11 15.02
C PHE B 78 -6.97 15.87 16.25
N GLN B 79 -6.22 15.72 17.34
CA GLN B 79 -6.50 16.50 18.54
C GLN B 79 -5.71 17.78 18.42
N GLN B 80 -6.18 18.84 19.09
CA GLN B 80 -5.50 20.13 19.05
C GLN B 80 -4.08 20.01 19.57
N GLU B 81 -3.89 19.07 20.50
CA GLU B 81 -2.59 18.84 21.12
C GLU B 81 -1.57 18.25 20.16
N ASP B 82 -2.05 17.77 19.01
CA ASP B 82 -1.19 17.06 18.05
C ASP B 82 -0.36 17.99 17.17
N TYR B 83 -0.62 19.29 17.22
CA TYR B 83 0.04 20.24 16.32
C TYR B 83 1.56 20.19 16.35
N GLU B 84 2.11 20.18 17.55
CA GLU B 84 3.54 20.29 17.77
C GLU B 84 4.32 19.12 17.18
N ARG B 85 3.77 17.92 17.30
CA ARG B 85 4.36 16.72 16.74
C ARG B 85 4.33 16.80 15.21
N LEU B 86 3.15 17.15 14.68
CA LEU B 86 2.95 17.24 13.24
C LEU B 86 3.85 18.30 12.60
N ALA B 87 4.01 19.43 13.27
CA ALA B 87 4.85 20.50 12.78
C ALA B 87 6.30 20.05 12.65
N LYS B 88 6.74 19.26 13.61
CA LYS B 88 8.10 18.72 13.62
C LYS B 88 8.33 17.74 12.48
N ILE B 89 7.35 16.86 12.26
CA ILE B 89 7.40 15.89 11.17
C ILE B 89 7.54 16.55 9.80
N PHE B 90 6.65 17.49 9.50
CA PHE B 90 6.67 18.18 8.20
C PHE B 90 7.93 19.02 8.02
N LYS B 91 8.42 19.61 9.10
CA LYS B 91 9.63 20.42 9.06
C LYS B 91 10.91 19.58 8.94
N ASN B 92 11.08 18.64 9.87
CA ASN B 92 12.30 17.85 9.91
C ASN B 92 12.43 16.79 8.81
N TRP B 93 11.31 16.19 8.41
CA TRP B 93 11.31 15.14 7.40
C TRP B 93 10.94 15.61 5.99
N TYR B 94 9.95 16.50 5.90
CA TYR B 94 9.38 16.84 4.60
C TYR B 94 9.79 18.23 4.10
N SER B 95 10.62 18.92 4.89
CA SER B 95 11.09 20.26 4.51
C SER B 95 9.92 21.19 4.23
N THR B 96 8.87 21.10 5.03
CA THR B 96 7.66 21.88 4.82
C THR B 96 7.17 22.50 6.12
N ASN B 97 6.73 23.75 6.06
CA ASN B 97 6.09 24.37 7.21
C ASN B 97 4.60 24.05 7.28
N LEU B 98 4.18 23.50 8.41
CA LEU B 98 2.76 23.28 8.66
C LEU B 98 2.10 24.60 9.02
N GLU B 99 1.47 25.23 8.03
CA GLU B 99 0.90 26.56 8.21
C GLU B 99 -0.40 26.56 9.00
N ASN B 100 -0.50 27.43 10.00
CA ASN B 100 -1.76 27.64 10.68
C ASN B 100 -2.65 28.49 9.79
N LYS B 101 -3.74 27.90 9.30
CA LYS B 101 -4.57 28.57 8.30
C LYS B 101 -5.99 28.72 8.82
N GLU B 102 -6.24 29.84 9.49
CA GLU B 102 -7.58 30.12 10.02
C GLU B 102 -8.58 30.35 8.89
N HIS B 103 -9.78 29.83 9.07
CA HIS B 103 -10.87 30.09 8.13
C HIS B 103 -11.78 31.19 8.65
N SER B 104 -12.46 31.89 7.74
CA SER B 104 -13.34 32.98 8.12
C SER B 104 -14.63 32.44 8.74
N LEU B 105 -15.04 33.06 9.84
CA LEU B 105 -16.23 32.65 10.57
C LEU B 105 -17.28 33.77 10.59
N ARG B 106 -17.05 34.79 9.76
CA ARG B 106 -17.91 35.96 9.75
C ARG B 106 -19.27 35.69 9.12
N GLY B 107 -19.35 34.68 8.26
CA GLY B 107 -20.59 34.32 7.62
C GLY B 107 -20.91 35.24 6.47
N TRP B 108 -19.88 35.87 5.92
CA TRP B 108 -20.05 36.73 4.76
C TRP B 108 -20.10 35.91 3.47
N ASN B 109 -20.72 36.47 2.44
CA ASN B 109 -20.79 35.83 1.14
C ASN B 109 -20.15 36.64 0.02
N TRP B 110 -19.35 37.64 0.40
CA TRP B 110 -18.61 38.44 -0.59
C TRP B 110 -17.10 38.47 -0.32
N GLY B 111 -16.30 38.53 -1.39
CA GLY B 111 -14.85 38.49 -1.29
C GLY B 111 -14.21 38.16 -2.63
N LYS B 112 -13.40 37.09 -2.65
CA LYS B 112 -12.70 36.67 -3.86
C LYS B 112 -12.77 35.16 -4.09
N ALA B 113 -13.24 34.77 -5.27
CA ALA B 113 -13.17 33.38 -5.71
C ALA B 113 -11.91 33.21 -6.54
N GLU B 114 -10.95 32.45 -6.00
CA GLU B 114 -9.65 32.33 -6.64
C GLU B 114 -9.34 30.91 -7.11
N PHE B 115 -8.97 30.79 -8.38
CA PHE B 115 -8.57 29.50 -8.93
C PHE B 115 -7.08 29.28 -8.68
N GLY B 116 -6.78 28.49 -7.65
CA GLY B 116 -5.41 28.20 -7.31
C GLY B 116 -4.90 26.99 -8.08
N LYS B 117 -3.86 26.37 -7.56
CA LYS B 117 -3.21 25.24 -8.21
C LYS B 117 -4.06 23.96 -8.16
N ALA B 118 -4.68 23.70 -7.03
CA ALA B 118 -5.43 22.46 -6.85
C ALA B 118 -6.87 22.72 -6.41
N GLU B 119 -7.17 23.96 -6.02
CA GLU B 119 -8.49 24.25 -5.46
C GLU B 119 -9.08 25.58 -5.91
N LEU B 120 -10.41 25.62 -5.97
CA LEU B 120 -11.13 26.88 -6.06
C LEU B 120 -11.44 27.33 -4.63
N THR B 121 -10.86 28.45 -4.23
CA THR B 121 -11.02 28.95 -2.87
C THR B 121 -11.86 30.23 -2.87
N PHE B 122 -12.78 30.35 -1.91
CA PHE B 122 -13.49 31.59 -1.70
C PHE B 122 -12.96 32.31 -0.46
N ASN B 123 -12.31 33.45 -0.68
CA ASN B 123 -11.67 34.18 0.40
C ASN B 123 -12.48 35.38 0.88
N VAL B 124 -12.59 35.53 2.19
CA VAL B 124 -13.22 36.69 2.80
C VAL B 124 -12.16 37.50 3.54
N GLN B 125 -11.82 38.67 2.98
CA GLN B 125 -10.70 39.48 3.46
C GLN B 125 -9.42 38.65 3.63
N ASN B 126 -9.09 37.89 2.59
CA ASN B 126 -7.85 37.11 2.49
C ASN B 126 -7.80 35.88 3.42
N ARG B 127 -8.95 35.50 3.96
CA ARG B 127 -9.06 34.27 4.72
C ARG B 127 -10.13 33.38 4.11
N PRO B 128 -9.79 32.11 3.86
CA PRO B 128 -10.70 31.17 3.17
C PRO B 128 -11.95 30.87 3.96
N ALA B 129 -13.11 31.00 3.32
CA ALA B 129 -14.36 30.56 3.93
C ALA B 129 -14.57 29.09 3.59
N PHE B 130 -14.26 28.73 2.34
CA PHE B 130 -14.31 27.33 1.92
C PHE B 130 -13.43 27.07 0.68
N GLU B 131 -13.14 25.80 0.44
CA GLU B 131 -12.29 25.41 -0.68
C GLU B 131 -12.93 24.28 -1.48
N ILE B 132 -12.80 24.34 -2.81
CA ILE B 132 -13.34 23.29 -3.67
C ILE B 132 -12.21 22.69 -4.49
N PRO B 133 -11.84 21.43 -4.20
CA PRO B 133 -10.80 20.76 -4.98
C PRO B 133 -11.25 20.51 -6.41
N TYR B 134 -10.37 20.75 -7.38
CA TYR B 134 -10.69 20.59 -8.80
C TYR B 134 -11.14 19.16 -9.14
N SER B 135 -10.59 18.18 -8.42
CA SER B 135 -10.89 16.78 -8.67
C SER B 135 -12.34 16.42 -8.39
N GLU B 136 -13.03 17.26 -7.61
CA GLU B 136 -14.43 17.04 -7.29
C GLU B 136 -15.37 17.62 -8.33
N ILE B 137 -14.85 18.52 -9.16
CA ILE B 137 -15.70 19.27 -10.09
C ILE B 137 -16.00 18.48 -11.35
N ALA B 138 -17.29 18.28 -11.61
CA ALA B 138 -17.72 17.52 -12.78
C ALA B 138 -17.82 18.40 -14.01
N ASN B 139 -18.41 19.58 -13.86
CA ASN B 139 -18.54 20.51 -14.99
C ASN B 139 -18.67 21.98 -14.53
N THR B 140 -18.26 22.90 -15.40
CA THR B 140 -18.33 24.34 -15.12
C THR B 140 -19.06 25.08 -16.24
N ASN B 141 -20.04 25.91 -15.89
CA ASN B 141 -20.82 26.61 -16.91
C ASN B 141 -20.85 28.12 -16.67
N LEU B 142 -20.68 28.89 -17.74
CA LEU B 142 -20.87 30.33 -17.73
C LEU B 142 -22.35 30.64 -17.91
N ALA B 143 -22.95 31.36 -16.96
CA ALA B 143 -24.38 31.65 -16.99
C ALA B 143 -24.67 33.14 -17.17
N GLY B 144 -23.63 33.97 -17.11
CA GLY B 144 -23.79 35.40 -17.26
C GLY B 144 -22.96 35.96 -18.40
N ASN B 146 -22.46 38.01 -15.32
CA ASN B 146 -21.17 37.55 -14.83
C ASN B 146 -21.32 36.42 -13.82
N GLU B 147 -21.90 35.31 -14.25
CA GLU B 147 -22.22 34.22 -13.32
C GLU B 147 -21.61 32.91 -13.79
N ILE B 148 -20.85 32.24 -12.92
CA ILE B 148 -20.26 30.95 -13.26
C ILE B 148 -20.85 29.86 -12.37
N ALA B 149 -21.28 28.77 -12.98
CA ALA B 149 -21.85 27.66 -12.24
C ALA B 149 -20.87 26.50 -12.13
N VAL B 150 -20.71 25.99 -10.92
CA VAL B 150 -19.84 24.84 -10.68
C VAL B 150 -20.68 23.64 -10.27
N GLU B 151 -20.67 22.60 -11.11
CA GLU B 151 -21.54 21.45 -10.87
C GLU B 151 -20.76 20.25 -10.35
N PHE B 152 -21.40 19.45 -9.51
CA PHE B 152 -20.79 18.26 -8.96
C PHE B 152 -21.62 17.05 -9.35
N ALA B 153 -21.00 15.88 -9.34
CA ALA B 153 -21.70 14.63 -9.63
C ALA B 153 -21.60 13.68 -8.45
N PRO B 154 -22.40 13.94 -7.40
CA PRO B 154 -22.33 13.12 -6.19
C PRO B 154 -22.90 11.73 -6.46
N GLY B 155 -22.73 10.81 -5.52
CA GLY B 155 -23.09 9.42 -5.75
C GLY B 155 -24.27 8.93 -4.94
N ASP B 156 -25.16 8.20 -5.60
CA ASP B 156 -26.36 7.67 -4.98
C ASP B 156 -26.09 6.33 -4.27
N LYS B 167 -17.88 10.00 -8.91
CA LYS B 167 -17.00 11.02 -9.45
C LYS B 167 -16.66 12.12 -8.44
N SER B 168 -17.68 12.61 -7.74
CA SER B 168 -17.48 13.62 -6.71
C SER B 168 -17.74 12.79 -5.45
N LYS B 169 -16.68 12.25 -4.88
CA LYS B 169 -16.75 11.54 -3.60
C LYS B 169 -16.83 12.41 -2.35
N LYS B 170 -16.13 13.54 -2.33
CA LYS B 170 -16.16 14.40 -1.14
C LYS B 170 -17.47 15.17 -1.08
N ALA B 171 -18.10 15.36 -2.23
CA ALA B 171 -19.41 15.99 -2.29
C ALA B 171 -20.50 15.08 -1.72
N SER B 172 -20.25 13.77 -1.76
CA SER B 172 -21.27 12.80 -1.37
C SER B 172 -21.02 12.16 -0.01
N ALA B 173 -19.98 12.61 0.69
CA ALA B 173 -19.65 12.05 1.98
C ALA B 173 -20.59 12.52 3.07
N SER B 174 -21.20 13.68 2.84
CA SER B 174 -22.08 14.29 3.82
C SER B 174 -23.50 13.76 3.74
N ARG B 175 -24.30 14.11 4.75
CA ARG B 175 -25.71 13.76 4.77
C ARG B 175 -26.43 14.63 3.75
N ASP B 176 -25.90 15.83 3.59
CA ASP B 176 -26.38 16.78 2.59
C ASP B 176 -25.34 16.91 1.48
N GLN B 177 -25.60 16.27 0.34
CA GLN B 177 -24.62 16.20 -0.73
C GLN B 177 -24.60 17.47 -1.57
N LEU B 178 -23.40 18.02 -1.75
CA LEU B 178 -23.25 19.25 -2.53
C LEU B 178 -23.48 18.97 -4.01
N VAL B 179 -24.38 19.74 -4.62
CA VAL B 179 -24.77 19.53 -6.00
C VAL B 179 -24.25 20.63 -6.93
N GLU B 180 -24.34 21.88 -6.49
CA GLU B 180 -24.02 23.02 -7.35
C GLU B 180 -23.65 24.27 -6.56
N ILE B 181 -22.70 25.04 -7.07
CA ILE B 181 -22.39 26.35 -6.51
C ILE B 181 -22.38 27.39 -7.62
N ARG B 182 -22.99 28.54 -7.36
CA ARG B 182 -22.92 29.64 -8.31
C ARG B 182 -22.26 30.89 -7.74
N PHE B 183 -21.37 31.47 -8.54
CA PHE B 183 -20.62 32.65 -8.13
C PHE B 183 -20.97 33.84 -9.00
N TYR B 184 -21.02 35.02 -8.40
CA TYR B 184 -21.06 36.26 -9.16
C TYR B 184 -19.65 36.79 -9.24
N ILE B 185 -19.03 36.69 -10.38
CA ILE B 185 -17.70 37.21 -10.60
C ILE B 185 -17.65 38.28 -11.69
N PRO B 186 -17.50 39.56 -11.17
CA PRO B 186 -17.56 40.62 -12.18
C PRO B 186 -16.50 40.64 -13.26
N GLY B 187 -16.93 40.78 -14.49
CA GLY B 187 -16.02 40.91 -15.62
C GLY B 187 -15.21 39.68 -15.99
N HIS C 3 -27.74 36.62 -31.37
CA HIS C 3 -26.85 36.83 -32.51
C HIS C 3 -25.38 36.75 -32.10
N MET C 4 -24.79 35.57 -32.11
CA MET C 4 -23.39 35.44 -31.77
C MET C 4 -22.53 35.41 -33.04
N ALA C 5 -21.23 35.65 -32.88
CA ALA C 5 -20.33 35.81 -34.02
C ALA C 5 -20.13 34.51 -34.80
N ALA C 6 -19.46 34.62 -35.95
CA ALA C 6 -19.28 33.48 -36.83
C ALA C 6 -18.32 32.46 -36.23
N ILE C 7 -18.67 31.19 -36.39
CA ILE C 7 -17.81 30.09 -35.99
C ILE C 7 -16.53 30.18 -36.81
N GLU C 8 -15.38 30.01 -36.15
CA GLU C 8 -14.11 29.93 -36.87
C GLU C 8 -13.64 28.49 -36.87
N SER C 9 -13.44 27.95 -38.07
CA SER C 9 -13.18 26.51 -38.20
C SER C 9 -11.76 26.23 -38.69
N PHE C 10 -11.22 25.11 -38.22
CA PHE C 10 -9.87 24.69 -38.59
C PHE C 10 -9.86 23.19 -38.81
N ASP C 11 -9.28 22.75 -39.93
CA ASP C 11 -9.28 21.34 -40.28
C ASP C 11 -7.95 20.67 -39.98
N HIS C 12 -7.96 19.35 -39.88
CA HIS C 12 -6.75 18.55 -39.72
C HIS C 12 -5.99 18.88 -38.42
N ILE C 13 -6.73 18.89 -37.32
CA ILE C 13 -6.18 19.20 -36.01
C ILE C 13 -6.19 17.96 -35.14
N TYR C 14 -5.08 17.71 -34.44
CA TYR C 14 -4.99 16.56 -33.55
C TYR C 14 -5.26 16.97 -32.11
N LEU C 15 -6.11 16.20 -31.45
CA LEU C 15 -6.45 16.47 -30.05
C LEU C 15 -5.73 15.50 -29.13
N ASP C 16 -4.92 16.05 -28.23
CA ASP C 16 -4.21 15.27 -27.23
C ASP C 16 -3.47 14.05 -27.80
N LEU C 17 -2.70 14.28 -28.86
CA LEU C 17 -1.92 13.22 -29.51
C LEU C 17 -2.79 12.12 -30.11
N SER C 18 -3.95 12.51 -30.63
CA SER C 18 -4.84 11.57 -31.32
C SER C 18 -4.16 11.00 -32.56
N LYS C 19 -4.45 9.75 -32.86
CA LYS C 19 -3.92 9.12 -34.06
C LYS C 19 -4.59 9.67 -35.31
N GLU C 20 -5.86 10.02 -35.17
CA GLU C 20 -6.63 10.55 -36.30
C GLU C 20 -6.95 12.02 -36.07
N PRO C 21 -6.78 12.84 -37.11
CA PRO C 21 -7.04 14.28 -37.06
C PRO C 21 -8.53 14.57 -36.96
N GLY C 22 -8.90 15.84 -36.88
CA GLY C 22 -10.30 16.21 -36.76
C GLY C 22 -10.53 17.68 -37.05
N LYS C 23 -11.76 18.14 -36.90
CA LYS C 23 -12.11 19.53 -37.18
C LYS C 23 -12.28 20.29 -35.88
N CYS C 24 -11.63 21.45 -35.79
CA CYS C 24 -11.71 22.27 -34.58
C CYS C 24 -12.58 23.49 -34.82
N ARG C 25 -13.66 23.61 -34.06
CA ARG C 25 -14.59 24.72 -34.24
C ARG C 25 -14.59 25.60 -33.00
N PHE C 26 -14.28 26.88 -33.19
CA PHE C 26 -14.28 27.84 -32.09
C PHE C 26 -15.55 28.68 -32.12
N ALA C 27 -16.14 28.89 -30.95
CA ALA C 27 -17.30 29.75 -30.83
C ALA C 27 -17.13 30.68 -29.65
N GLU C 28 -18.00 31.67 -29.54
CA GLU C 28 -18.00 32.62 -28.43
C GLU C 28 -18.12 31.91 -27.08
N ASN C 29 -18.90 30.83 -27.05
CA ASN C 29 -19.19 30.13 -25.81
C ASN C 29 -18.25 28.96 -25.54
N GLY C 30 -17.34 28.67 -26.48
CA GLY C 30 -16.40 27.59 -26.28
C GLY C 30 -15.90 26.86 -27.51
N LEU C 31 -15.37 25.65 -27.30
CA LEU C 31 -14.70 24.89 -28.36
C LEU C 31 -15.27 23.49 -28.58
N GLY C 32 -15.22 23.04 -29.82
CA GLY C 32 -15.60 21.68 -30.15
C GLY C 32 -14.60 21.07 -31.12
N TRP C 33 -14.27 19.80 -30.90
CA TRP C 33 -13.39 19.07 -31.81
C TRP C 33 -14.09 17.77 -32.17
N LYS C 34 -14.06 17.41 -33.45
CA LYS C 34 -14.75 16.19 -33.87
C LYS C 34 -13.85 15.42 -34.84
N PRO C 35 -13.57 14.16 -34.52
CA PRO C 35 -12.70 13.29 -35.30
C PRO C 35 -13.31 12.98 -36.67
N VAL C 36 -12.46 12.65 -37.65
CA VAL C 36 -12.91 12.16 -38.95
C VAL C 36 -13.30 10.75 -38.53
N GLY C 37 -14.56 10.58 -38.15
CA GLY C 37 -15.14 9.27 -37.92
C GLY C 37 -15.59 9.12 -36.48
N GLY C 39 -17.19 9.12 -34.01
CA GLY C 39 -16.36 9.25 -32.82
C GLY C 39 -16.98 10.25 -31.87
N GLU C 40 -16.46 10.31 -30.65
CA GLU C 40 -17.05 11.21 -29.66
C GLU C 40 -16.54 12.63 -29.89
N THR C 41 -17.45 13.59 -29.79
CA THR C 41 -17.09 14.99 -29.92
C THR C 41 -16.51 15.47 -28.60
N PHE C 42 -15.58 16.41 -28.66
CA PHE C 42 -14.97 16.95 -27.46
C PHE C 42 -15.45 18.37 -27.32
N THR C 43 -15.73 18.77 -26.08
CA THR C 43 -16.26 20.11 -25.82
C THR C 43 -15.53 20.75 -24.66
N LEU C 44 -15.35 22.07 -24.76
CA LEU C 44 -14.72 22.84 -23.70
C LEU C 44 -15.43 24.18 -23.55
N ASP C 45 -16.03 24.41 -22.40
CA ASP C 45 -16.78 25.63 -22.17
C ASP C 45 -15.85 26.81 -21.90
N VAL C 46 -16.29 28.00 -22.33
CA VAL C 46 -15.51 29.23 -22.16
C VAL C 46 -15.16 29.48 -20.69
N SER C 47 -15.99 28.99 -19.78
CA SER C 47 -15.77 29.18 -18.36
C SER C 47 -14.54 28.45 -17.84
N ASN C 48 -14.08 27.43 -18.56
CA ASN C 48 -12.88 26.70 -18.15
C ASN C 48 -11.67 26.98 -19.04
N ILE C 49 -11.65 28.14 -19.68
CA ILE C 49 -10.48 28.54 -20.47
C ILE C 49 -9.68 29.58 -19.69
N GLY C 50 -8.54 29.16 -19.15
CA GLY C 50 -7.73 30.01 -18.29
C GLY C 50 -6.51 30.60 -18.95
N GLY C 51 -6.03 29.96 -20.01
CA GLY C 51 -4.85 30.43 -20.71
C GLY C 51 -4.54 29.63 -21.96
N ALA C 52 -3.64 30.16 -22.78
CA ALA C 52 -3.32 29.52 -24.04
C ALA C 52 -1.90 29.85 -24.50
N GLN C 53 -1.21 28.84 -25.03
CA GLN C 53 0.14 29.03 -25.52
C GLN C 53 0.26 28.55 -26.97
N TRP C 54 1.07 29.27 -27.74
CA TRP C 54 1.29 28.96 -29.15
C TRP C 54 2.74 28.55 -29.32
N SER C 55 2.99 27.39 -29.92
CA SER C 55 4.35 26.91 -30.11
C SER C 55 4.46 25.86 -31.23
N ARG C 56 5.70 25.63 -31.65
CA ARG C 56 5.99 24.63 -32.67
C ARG C 56 6.02 23.23 -32.05
N ALA C 57 5.34 22.29 -32.69
CA ALA C 57 5.31 20.92 -32.18
C ALA C 57 5.55 19.92 -33.31
N ALA C 58 5.44 18.63 -32.98
CA ALA C 58 5.77 17.56 -33.90
C ALA C 58 4.97 17.64 -35.20
N GLY C 60 2.66 20.36 -36.47
CA GLY C 60 3.06 21.64 -37.03
C GLY C 60 2.99 22.49 -35.78
N TYR C 61 2.05 23.43 -35.75
CA TYR C 61 1.92 24.33 -34.61
C TYR C 61 0.84 23.92 -33.63
N GLU C 62 1.08 24.16 -32.36
CA GLU C 62 0.22 23.68 -31.30
C GLU C 62 -0.40 24.83 -30.53
N VAL C 63 -1.71 24.73 -30.30
CA VAL C 63 -2.37 25.59 -29.32
C VAL C 63 -2.57 24.75 -28.07
N LYS C 64 -1.91 25.14 -26.98
CA LYS C 64 -2.09 24.47 -25.71
C LYS C 64 -3.02 25.31 -24.85
N ILE C 65 -4.16 24.74 -24.48
CA ILE C 65 -5.13 25.47 -23.67
C ILE C 65 -5.02 25.04 -22.22
N LEU C 66 -4.84 26.02 -21.34
CA LEU C 66 -4.75 25.77 -19.91
C LEU C 66 -6.10 26.02 -19.27
N GLN C 67 -6.65 24.99 -18.65
CA GLN C 67 -7.95 25.08 -17.98
C GLN C 67 -7.83 25.88 -16.69
N ARG C 68 -8.94 26.48 -16.25
CA ARG C 68 -8.99 27.20 -14.98
C ARG C 68 -8.91 26.19 -13.84
N THR C 69 -9.58 25.06 -14.00
CA THR C 69 -9.32 23.89 -13.15
C THR C 69 -8.02 23.31 -13.72
N SER C 70 -7.42 22.33 -13.05
CA SER C 70 -6.10 21.86 -13.51
C SER C 70 -6.20 20.95 -14.73
N GLY C 71 -5.55 21.35 -15.83
CA GLY C 71 -5.55 20.54 -17.03
C GLY C 71 -4.96 21.21 -18.26
N VAL C 72 -4.46 20.40 -19.19
CA VAL C 72 -3.93 20.90 -20.46
C VAL C 72 -4.64 20.25 -21.65
N ILE C 73 -5.00 21.07 -22.64
CA ILE C 73 -5.60 20.58 -23.88
C ILE C 73 -4.65 20.91 -25.02
N GLN C 74 -4.18 19.88 -25.72
CA GLN C 74 -3.23 20.09 -26.81
C GLN C 74 -3.87 19.94 -28.19
N LEU C 75 -3.83 21.02 -28.95
CA LEU C 75 -4.22 21.04 -30.33
C LEU C 75 -3.08 21.30 -31.30
N ASP C 76 -2.72 20.27 -32.04
CA ASP C 76 -1.58 20.30 -32.90
C ASP C 76 -2.10 20.87 -34.19
N GLY C 77 -1.29 20.87 -35.22
CA GLY C 77 -1.56 20.74 -36.61
C GLY C 77 -1.91 21.97 -37.33
N PHE C 78 -1.93 23.06 -36.65
CA PHE C 78 -2.20 24.38 -37.23
C PHE C 78 -1.07 24.82 -38.15
N GLN C 79 -1.38 25.70 -39.10
CA GLN C 79 -0.35 26.32 -39.93
C GLN C 79 0.09 27.60 -39.26
N GLN C 80 1.29 28.05 -39.61
CA GLN C 80 1.84 29.29 -39.06
C GLN C 80 0.95 30.49 -39.38
N GLU C 81 0.25 30.41 -40.51
CA GLU C 81 -0.65 31.49 -40.94
C GLU C 81 -1.87 31.62 -40.04
N ASP C 82 -2.13 30.62 -39.20
CA ASP C 82 -3.34 30.58 -38.40
C ASP C 82 -3.27 31.43 -37.13
N TYR C 83 -2.08 31.93 -36.79
CA TYR C 83 -1.91 32.62 -35.51
C TYR C 83 -2.80 33.82 -35.27
N GLU C 84 -2.86 34.71 -36.26
CA GLU C 84 -3.56 35.98 -36.09
C GLU C 84 -5.07 35.79 -35.88
N ARG C 85 -5.64 34.79 -36.54
CA ARG C 85 -7.04 34.42 -36.35
C ARG C 85 -7.24 33.88 -34.94
N LEU C 86 -6.36 32.99 -34.51
CA LEU C 86 -6.43 32.38 -33.18
C LEU C 86 -6.27 33.39 -32.05
N ALA C 87 -5.35 34.34 -32.21
CA ALA C 87 -5.10 35.35 -31.21
C ALA C 87 -6.33 36.22 -30.97
N LYS C 88 -7.04 36.53 -32.05
CA LYS C 88 -8.26 37.33 -31.97
C LYS C 88 -9.37 36.58 -31.25
N ILE C 89 -9.51 35.30 -31.57
CA ILE C 89 -10.49 34.43 -30.91
C ILE C 89 -10.28 34.41 -29.39
N PHE C 90 -9.06 34.11 -28.96
CA PHE C 90 -8.76 34.02 -27.53
C PHE C 90 -8.88 35.35 -26.79
N LYS C 91 -8.48 36.45 -27.41
CA LYS C 91 -8.58 37.76 -26.75
C LYS C 91 -10.02 38.28 -26.74
N ASN C 92 -10.66 38.29 -27.92
CA ASN C 92 -12.00 38.86 -28.04
C ASN C 92 -13.12 38.01 -27.42
N TRP C 93 -12.99 36.69 -27.50
CA TRP C 93 -14.04 35.80 -26.98
C TRP C 93 -13.72 35.24 -25.59
N TYR C 94 -12.47 34.86 -25.37
CA TYR C 94 -12.10 34.09 -24.17
C TYR C 94 -11.32 34.92 -23.14
N SER C 95 -11.06 36.18 -23.46
CA SER C 95 -10.34 37.09 -22.57
C SER C 95 -8.94 36.60 -22.15
N THR C 96 -8.22 35.95 -23.06
CA THR C 96 -6.87 35.45 -22.78
C THR C 96 -5.94 35.77 -23.94
N ASN C 97 -4.69 36.08 -23.63
CA ASN C 97 -3.67 36.29 -24.66
C ASN C 97 -3.08 34.97 -25.15
N LEU C 98 -3.09 34.76 -26.47
CA LEU C 98 -2.41 33.60 -27.03
C LEU C 98 -0.91 33.84 -27.00
N GLU C 99 -0.26 33.29 -25.98
CA GLU C 99 1.15 33.54 -25.73
C GLU C 99 2.06 32.76 -26.66
N ASN C 100 3.01 33.46 -27.29
CA ASN C 100 4.06 32.81 -28.07
C ASN C 100 5.11 32.25 -27.13
N LYS C 101 5.22 30.92 -27.09
CA LYS C 101 6.07 30.27 -26.11
C LYS C 101 7.12 29.39 -26.80
N GLU C 102 8.27 29.97 -27.11
CA GLU C 102 9.35 29.21 -27.73
C GLU C 102 9.91 28.18 -26.76
N HIS C 103 10.22 26.99 -27.29
CA HIS C 103 10.89 25.97 -26.50
C HIS C 103 12.39 25.97 -26.78
N SER C 104 13.17 25.50 -25.81
CA SER C 104 14.63 25.47 -25.95
C SER C 104 15.04 24.36 -26.90
N LEU C 105 15.99 24.68 -27.78
CA LEU C 105 16.46 23.72 -28.79
C LEU C 105 17.94 23.43 -28.59
N ARG C 106 18.48 23.87 -27.45
CA ARG C 106 19.91 23.76 -27.18
C ARG C 106 20.35 22.33 -26.89
N GLY C 107 19.41 21.50 -26.43
CA GLY C 107 19.73 20.11 -26.17
C GLY C 107 20.44 19.90 -24.85
N TRP C 108 20.26 20.85 -23.94
CA TRP C 108 20.86 20.75 -22.61
C TRP C 108 20.01 19.87 -21.69
N ASN C 109 20.64 19.32 -20.66
CA ASN C 109 19.93 18.49 -19.69
C ASN C 109 19.98 19.08 -18.27
N TRP C 110 20.37 20.35 -18.17
CA TRP C 110 20.37 21.05 -16.89
C TRP C 110 19.58 22.35 -16.92
N GLY C 111 18.97 22.69 -15.79
CA GLY C 111 18.13 23.87 -15.71
C GLY C 111 17.24 23.87 -14.48
N LYS C 112 15.93 23.95 -14.70
CA LYS C 112 14.99 24.02 -13.59
C LYS C 112 13.77 23.14 -13.84
N ALA C 113 13.49 22.23 -12.92
CA ALA C 113 12.26 21.44 -12.95
C ALA C 113 11.23 22.17 -12.11
N GLU C 114 10.20 22.71 -12.76
CA GLU C 114 9.24 23.56 -12.06
C GLU C 114 7.85 22.94 -12.03
N PHE C 115 7.30 22.81 -10.83
CA PHE C 115 5.96 22.28 -10.66
C PHE C 115 4.93 23.42 -10.76
N GLY C 116 4.33 23.54 -11.93
CA GLY C 116 3.32 24.56 -12.16
C GLY C 116 1.94 24.08 -11.78
N LYS C 117 0.92 24.74 -12.32
CA LYS C 117 -0.47 24.41 -11.99
C LYS C 117 -0.93 23.08 -12.59
N ALA C 118 -0.56 22.84 -13.84
CA ALA C 118 -1.03 21.65 -14.55
C ALA C 118 0.09 20.79 -15.11
N GLU C 119 1.32 21.32 -15.11
CA GLU C 119 2.43 20.62 -15.76
C GLU C 119 3.72 20.66 -14.95
N LEU C 120 4.50 19.60 -15.08
CA LEU C 120 5.89 19.63 -14.64
C LEU C 120 6.71 20.09 -15.83
N THR C 121 7.35 21.25 -15.69
CA THR C 121 8.09 21.84 -16.80
C THR C 121 9.59 21.77 -16.49
N PHE C 122 10.37 21.37 -17.49
CA PHE C 122 11.82 21.45 -17.38
C PHE C 122 12.32 22.63 -18.21
N ASN C 123 12.82 23.65 -17.51
CA ASN C 123 13.23 24.88 -18.17
C ASN C 123 14.73 24.96 -18.35
N VAL C 124 15.15 25.40 -19.54
CA VAL C 124 16.56 25.65 -19.82
C VAL C 124 16.74 27.15 -20.02
N GLN C 125 17.34 27.80 -19.02
CA GLN C 125 17.44 29.26 -18.99
C GLN C 125 16.08 29.92 -19.23
N ASN C 126 15.08 29.45 -18.49
CA ASN C 126 13.72 30.01 -18.50
C ASN C 126 12.91 29.74 -19.77
N ARG C 127 13.37 28.80 -20.58
CA ARG C 127 12.60 28.34 -21.73
C ARG C 127 12.39 26.84 -21.63
N PRO C 128 11.14 26.38 -21.81
CA PRO C 128 10.79 24.97 -21.62
C PRO C 128 11.46 24.06 -22.66
N ALA C 129 12.10 23.00 -22.18
CA ALA C 129 12.59 21.98 -23.09
C ALA C 129 11.49 20.97 -23.34
N PHE C 130 10.77 20.63 -22.27
CA PHE C 130 9.61 19.74 -22.34
C PHE C 130 8.67 19.93 -21.16
N GLU C 131 7.43 19.44 -21.31
CA GLU C 131 6.42 19.57 -20.27
C GLU C 131 5.76 18.22 -20.00
N ILE C 132 5.48 17.95 -18.73
CA ILE C 132 4.82 16.71 -18.34
C ILE C 132 3.50 17.06 -17.63
N PRO C 133 2.36 16.79 -18.29
CA PRO C 133 1.07 17.03 -17.66
C PRO C 133 0.85 16.08 -16.49
N TYR C 134 0.33 16.60 -15.38
CA TYR C 134 0.12 15.80 -14.18
C TYR C 134 -0.80 14.60 -14.40
N SER C 135 -1.75 14.76 -15.31
CA SER C 135 -2.73 13.70 -15.60
C SER C 135 -2.08 12.46 -16.21
N GLU C 136 -0.87 12.61 -16.75
CA GLU C 136 -0.16 11.50 -17.34
C GLU C 136 0.67 10.73 -16.31
N ILE C 137 0.91 11.34 -15.15
CA ILE C 137 1.81 10.80 -14.15
C ILE C 137 1.17 9.73 -13.28
N ALA C 138 1.78 8.54 -13.24
CA ALA C 138 1.25 7.43 -12.46
C ALA C 138 1.68 7.54 -11.00
N ASN C 139 2.97 7.80 -10.79
CA ASN C 139 3.49 8.04 -9.43
C ASN C 139 4.78 8.84 -9.41
N THR C 140 5.04 9.50 -8.28
CA THR C 140 6.24 10.31 -8.12
C THR C 140 6.96 9.76 -6.90
N ASN C 141 8.22 9.37 -7.10
CA ASN C 141 8.96 8.68 -6.05
C ASN C 141 10.35 9.24 -5.80
N LEU C 142 10.75 9.22 -4.52
CA LEU C 142 12.12 9.49 -4.15
C LEU C 142 12.88 8.21 -4.47
N ALA C 143 13.91 8.31 -5.32
CA ALA C 143 14.61 7.11 -5.75
C ALA C 143 16.00 7.06 -5.15
N GLY C 144 16.43 8.13 -4.54
CA GLY C 144 17.70 8.17 -3.91
C GLY C 144 17.86 9.56 -3.49
N ARG C 145 19.02 10.01 -3.10
CA ARG C 145 19.20 11.41 -2.83
C ARG C 145 19.70 12.09 -4.06
N GLU C 147 17.25 12.71 -6.00
CA GLU C 147 16.72 11.99 -7.13
C GLU C 147 15.26 11.69 -7.09
N ILE C 148 14.50 12.10 -8.06
CA ILE C 148 13.12 11.78 -8.10
C ILE C 148 12.79 11.06 -9.32
N ALA C 149 11.97 10.07 -9.24
CA ALA C 149 11.53 9.42 -10.40
C ALA C 149 10.07 9.72 -10.71
N VAL C 150 9.80 9.96 -11.97
CA VAL C 150 8.42 10.23 -12.40
C VAL C 150 8.01 9.09 -13.32
N GLU C 151 7.03 8.32 -12.87
CA GLU C 151 6.65 7.09 -13.58
C GLU C 151 5.33 7.20 -14.31
N PHE C 152 5.24 6.51 -15.44
CA PHE C 152 4.03 6.51 -16.24
C PHE C 152 3.50 5.09 -16.40
N ALA C 153 2.21 4.98 -16.71
CA ALA C 153 1.59 3.68 -16.96
C ALA C 153 0.99 3.66 -18.34
N PRO C 154 1.83 3.51 -19.37
CA PRO C 154 1.33 3.53 -20.75
C PRO C 154 0.55 2.27 -21.12
N GLY C 155 0.54 1.27 -20.24
CA GLY C 155 -0.10 0.00 -20.55
C GLY C 155 -1.25 -0.39 -19.64
N ASP C 156 -2.35 -0.83 -20.25
CA ASP C 156 -3.50 -1.34 -19.50
C ASP C 156 -3.37 -2.84 -19.27
N SER C 168 -2.04 6.69 -18.76
CA SER C 168 -1.14 7.63 -19.41
C SER C 168 -1.22 7.50 -20.92
N LYS C 169 -2.32 8.02 -21.49
CA LYS C 169 -2.56 7.95 -22.94
C LYS C 169 -1.57 8.71 -23.83
N LYS C 170 -1.11 9.87 -23.38
CA LYS C 170 -0.18 10.67 -24.18
C LYS C 170 1.21 10.03 -24.18
N ALA C 171 1.50 9.27 -23.14
CA ALA C 171 2.76 8.53 -23.07
C ALA C 171 2.81 7.38 -24.07
N SER C 172 1.64 6.86 -24.44
CA SER C 172 1.55 5.67 -25.29
C SER C 172 1.14 5.98 -26.72
N ALA C 173 1.02 7.26 -27.07
CA ALA C 173 0.56 7.64 -28.40
C ALA C 173 1.63 7.42 -29.45
N SER C 174 2.89 7.47 -29.03
CA SER C 174 4.00 7.26 -29.94
C SER C 174 4.33 5.78 -30.09
N ARG C 175 5.17 5.47 -31.07
CA ARG C 175 5.66 4.12 -31.26
C ARG C 175 6.66 3.82 -30.15
N ASP C 176 7.29 4.88 -29.65
CA ASP C 176 8.20 4.78 -28.51
C ASP C 176 7.53 5.34 -27.26
N GLN C 177 7.06 4.44 -26.40
CA GLN C 177 6.28 4.83 -25.23
C GLN C 177 7.15 5.26 -24.05
N LEU C 178 6.85 6.43 -23.49
CA LEU C 178 7.59 6.93 -22.33
C LEU C 178 7.22 6.17 -21.08
N VAL C 179 8.22 5.65 -20.37
CA VAL C 179 8.01 4.82 -19.20
C VAL C 179 8.40 5.52 -17.89
N GLU C 180 9.53 6.21 -17.91
CA GLU C 180 10.08 6.81 -16.69
C GLU C 180 11.04 7.96 -16.97
N ILE C 181 11.00 8.98 -16.11
CA ILE C 181 11.98 10.05 -16.13
C ILE C 181 12.55 10.22 -14.73
N ARG C 182 13.87 10.39 -14.64
CA ARG C 182 14.51 10.65 -13.36
C ARG C 182 15.17 12.02 -13.35
N PHE C 183 14.95 12.77 -12.29
CA PHE C 183 15.54 14.10 -12.16
C PHE C 183 16.50 14.12 -10.99
N TYR C 184 17.60 14.83 -11.15
CA TYR C 184 18.48 15.15 -10.05
C TYR C 184 18.13 16.54 -9.55
N ILE C 185 17.60 16.63 -8.34
CA ILE C 185 17.21 17.92 -7.80
C ILE C 185 17.80 18.25 -6.42
N PRO C 186 18.86 19.06 -6.42
CA PRO C 186 19.51 19.63 -5.23
C PRO C 186 18.59 20.67 -4.61
N GLY C 187 17.94 20.37 -3.49
CA GLY C 187 18.21 19.20 -2.69
C GLY C 187 17.76 19.45 -1.26
N THR C 188 17.05 18.49 -0.66
CA THR C 188 16.70 17.24 -1.33
C THR C 188 15.51 17.43 -2.26
N THR C 189 15.17 16.37 -3.01
CA THR C 189 13.98 16.30 -3.87
C THR C 189 13.52 17.63 -4.50
N HIS D 3 24.30 8.18 7.22
CA HIS D 3 24.53 9.06 6.08
C HIS D 3 23.87 8.47 4.84
N MET D 4 22.82 7.67 5.07
CA MET D 4 22.03 7.06 4.01
C MET D 4 20.79 7.89 3.72
N ALA D 5 20.28 7.77 2.49
CA ALA D 5 19.10 8.51 2.06
C ALA D 5 17.85 7.97 2.74
N ALA D 6 16.72 8.66 2.56
CA ALA D 6 15.48 8.21 3.14
C ALA D 6 15.02 6.95 2.41
N ILE D 7 15.28 6.92 1.10
CA ILE D 7 15.11 5.70 0.31
C ILE D 7 16.44 5.16 -0.19
N GLU D 8 16.68 3.87 0.01
CA GLU D 8 17.74 3.20 -0.70
C GLU D 8 17.07 2.21 -1.64
N SER D 9 17.26 2.41 -2.94
CA SER D 9 16.47 1.69 -3.93
C SER D 9 17.29 0.77 -4.83
N PHE D 10 16.65 -0.28 -5.33
CA PHE D 10 17.31 -1.27 -6.17
C PHE D 10 16.44 -1.62 -7.38
N ASP D 11 17.08 -1.69 -8.56
CA ASP D 11 16.34 -1.88 -9.80
C ASP D 11 16.38 -3.34 -10.25
N HIS D 12 15.40 -3.73 -11.06
CA HIS D 12 15.36 -5.07 -11.65
C HIS D 12 15.30 -6.20 -10.61
N ILE D 13 14.38 -6.08 -9.67
CA ILE D 13 14.25 -7.08 -8.59
C ILE D 13 12.93 -7.86 -8.70
N TYR D 14 13.02 -9.17 -8.51
CA TYR D 14 11.85 -10.06 -8.58
C TYR D 14 11.33 -10.42 -7.18
N LEU D 15 10.01 -10.34 -7.00
CA LEU D 15 9.39 -10.69 -5.72
C LEU D 15 8.71 -12.05 -5.76
N ASP D 16 9.17 -12.96 -4.88
CA ASP D 16 8.57 -14.29 -4.74
C ASP D 16 8.35 -15.02 -6.08
N LEU D 17 9.43 -15.09 -6.86
CA LEU D 17 9.42 -15.77 -8.16
C LEU D 17 8.47 -15.11 -9.17
N SER D 18 8.33 -13.79 -9.07
CA SER D 18 7.55 -13.03 -10.03
C SER D 18 8.15 -13.12 -11.42
N LYS D 19 7.29 -13.19 -12.43
CA LYS D 19 7.72 -13.17 -13.82
C LYS D 19 8.15 -11.76 -14.20
N GLU D 20 7.60 -10.76 -13.52
CA GLU D 20 7.90 -9.37 -13.83
C GLU D 20 8.83 -8.80 -12.77
N PRO D 21 9.89 -8.12 -13.21
CA PRO D 21 10.80 -7.46 -12.28
C PRO D 21 10.15 -6.18 -11.77
N GLY D 22 10.78 -5.51 -10.81
CA GLY D 22 10.23 -4.30 -10.24
C GLY D 22 11.28 -3.57 -9.43
N LYS D 23 10.89 -2.49 -8.77
CA LYS D 23 11.84 -1.73 -7.97
C LYS D 23 11.67 -2.01 -6.49
N CYS D 24 12.78 -2.27 -5.81
CA CYS D 24 12.77 -2.57 -4.40
C CYS D 24 13.25 -1.34 -3.64
N ARG D 25 12.37 -0.80 -2.80
CA ARG D 25 12.65 0.45 -2.10
C ARG D 25 12.75 0.20 -0.61
N PHE D 26 13.91 0.50 -0.03
CA PHE D 26 14.11 0.32 1.41
C PHE D 26 14.03 1.65 2.15
N ALA D 27 13.33 1.64 3.28
CA ALA D 27 13.28 2.81 4.16
C ALA D 27 13.47 2.34 5.60
N GLU D 28 13.65 3.28 6.52
CA GLU D 28 13.77 2.94 7.95
C GLU D 28 12.58 2.15 8.49
N ASN D 29 11.39 2.43 7.96
CA ASN D 29 10.17 1.84 8.49
C ASN D 29 9.83 0.51 7.81
N GLY D 30 10.61 0.15 6.79
CA GLY D 30 10.43 -1.12 6.10
C GLY D 30 10.74 -1.00 4.62
N LEU D 31 10.30 -1.98 3.84
CA LEU D 31 10.57 -2.00 2.41
C LEU D 31 9.30 -2.15 1.59
N GLY D 32 9.33 -1.62 0.37
CA GLY D 32 8.21 -1.76 -0.54
C GLY D 32 8.69 -2.21 -1.91
N TRP D 33 7.90 -3.04 -2.57
CA TRP D 33 8.22 -3.49 -3.92
C TRP D 33 7.07 -3.16 -4.86
N LYS D 34 7.41 -2.50 -5.97
CA LYS D 34 6.44 -2.03 -6.94
C LYS D 34 7.01 -2.08 -8.35
N PRO D 35 6.31 -2.76 -9.27
CA PRO D 35 6.80 -2.71 -10.66
C PRO D 35 6.59 -1.29 -11.18
N VAL D 36 7.43 -0.83 -12.11
CA VAL D 36 7.26 0.50 -12.69
C VAL D 36 5.95 0.53 -13.47
N GLY D 37 5.62 -0.61 -14.04
CA GLY D 37 4.39 -0.79 -14.80
C GLY D 37 4.44 -2.12 -15.53
N GLY D 38 3.31 -2.82 -15.59
CA GLY D 38 2.09 -2.41 -14.93
C GLY D 38 2.04 -2.82 -13.47
N THR D 41 1.57 -3.75 -5.72
CA THR D 41 2.63 -3.29 -4.83
C THR D 41 2.63 -4.06 -3.51
N PHE D 42 3.82 -4.33 -2.97
CA PHE D 42 3.97 -5.08 -1.73
C PHE D 42 4.72 -4.28 -0.67
N THR D 43 4.33 -4.45 0.60
CA THR D 43 4.99 -3.74 1.71
C THR D 43 5.28 -4.70 2.88
N LEU D 44 6.39 -4.46 3.56
CA LEU D 44 6.74 -5.23 4.75
C LEU D 44 7.33 -4.30 5.81
N ASP D 45 6.64 -4.19 6.94
CA ASP D 45 7.04 -3.29 8.02
C ASP D 45 8.23 -3.84 8.81
N VAL D 46 9.09 -2.94 9.27
CA VAL D 46 10.30 -3.31 10.00
C VAL D 46 10.01 -4.14 11.26
N SER D 47 8.86 -3.94 11.88
CA SER D 47 8.51 -4.66 13.10
C SER D 47 8.31 -6.15 12.84
N ASN D 48 8.06 -6.51 11.58
CA ASN D 48 7.90 -7.91 11.21
C ASN D 48 9.11 -8.44 10.44
N ILE D 49 10.27 -7.83 10.67
CA ILE D 49 11.52 -8.30 10.08
C ILE D 49 12.36 -9.02 11.14
N GLY D 50 12.44 -10.34 11.03
CA GLY D 50 13.11 -11.16 12.03
C GLY D 50 14.51 -11.62 11.66
N GLY D 51 14.79 -11.68 10.36
CA GLY D 51 16.09 -12.13 9.89
C GLY D 51 16.26 -12.00 8.40
N ALA D 52 17.48 -12.17 7.93
CA ALA D 52 17.78 -12.00 6.50
C ALA D 52 18.94 -12.86 6.07
N GLN D 53 18.81 -13.47 4.89
CA GLN D 53 19.86 -14.32 4.36
C GLN D 53 20.24 -13.88 2.94
N TRP D 54 21.53 -13.97 2.64
CA TRP D 54 22.07 -13.59 1.35
C TRP D 54 22.68 -14.83 0.69
N SER D 55 22.26 -15.12 -0.54
CA SER D 55 22.79 -16.28 -1.26
C SER D 55 22.61 -16.16 -2.76
N ARG D 56 23.30 -16.99 -3.49
CA ARG D 56 23.15 -17.05 -4.90
C ARG D 56 21.91 -17.82 -5.27
N ALA D 57 21.12 -17.31 -6.21
CA ALA D 57 19.89 -17.97 -6.62
C ALA D 57 19.76 -17.88 -8.13
N ALA D 58 18.80 -18.56 -8.69
CA ALA D 58 18.58 -18.63 -10.14
C ALA D 58 18.81 -17.38 -10.97
N GLY D 60 20.63 -13.95 -10.59
CA GLY D 60 21.46 -13.15 -9.72
C GLY D 60 21.44 -13.66 -8.28
N TYR D 61 21.54 -12.72 -7.34
CA TYR D 61 21.54 -13.07 -5.92
C TYR D 61 20.13 -13.00 -5.34
N GLU D 62 20.00 -13.38 -4.07
CA GLU D 62 18.70 -13.35 -3.40
C GLU D 62 18.84 -12.86 -1.95
N VAL D 63 17.95 -11.95 -1.56
CA VAL D 63 17.76 -11.63 -0.16
C VAL D 63 16.50 -12.35 0.31
N LYS D 64 16.65 -13.30 1.24
CA LYS D 64 15.48 -13.95 1.81
C LYS D 64 15.20 -13.36 3.18
N ILE D 65 14.01 -12.79 3.33
CA ILE D 65 13.63 -12.15 4.59
C ILE D 65 12.71 -13.04 5.41
N LEU D 66 13.10 -13.28 6.67
CA LEU D 66 12.32 -14.09 7.58
C LEU D 66 11.48 -13.19 8.47
N GLN D 67 10.16 -13.36 8.40
CA GLN D 67 9.24 -12.55 9.20
C GLN D 67 9.26 -12.96 10.67
N ARG D 68 8.87 -12.04 11.56
CA ARG D 68 8.74 -12.35 12.98
C ARG D 68 7.58 -13.31 13.16
N THR D 69 6.51 -13.08 12.41
CA THR D 69 5.45 -14.08 12.22
C THR D 69 5.97 -15.10 11.23
N SER D 70 5.25 -16.20 11.01
CA SER D 70 5.76 -17.24 10.13
C SER D 70 5.58 -16.87 8.66
N GLY D 71 6.69 -16.76 7.93
CA GLY D 71 6.63 -16.44 6.51
C GLY D 71 7.99 -16.09 5.92
N VAL D 72 8.15 -16.32 4.62
CA VAL D 72 9.37 -15.96 3.91
C VAL D 72 9.12 -15.06 2.70
N ILE D 73 9.93 -14.02 2.56
CA ILE D 73 9.86 -13.14 1.39
C ILE D 73 11.16 -13.25 0.60
N GLN D 74 11.07 -13.64 -0.66
CA GLN D 74 12.25 -13.80 -1.51
C GLN D 74 12.43 -12.67 -2.52
N LEU D 75 13.55 -11.97 -2.42
CA LEU D 75 13.89 -10.92 -3.37
C LEU D 75 15.19 -11.29 -4.11
N ASP D 76 15.07 -11.70 -5.37
CA ASP D 76 16.25 -12.04 -6.17
C ASP D 76 16.39 -11.12 -7.38
N GLY D 77 17.58 -11.10 -7.97
CA GLY D 77 17.87 -10.24 -9.10
C GLY D 77 18.94 -9.23 -8.74
N PHE D 78 19.42 -9.32 -7.50
CA PHE D 78 20.49 -8.44 -7.06
C PHE D 78 21.80 -8.79 -7.73
N GLN D 79 22.67 -7.80 -7.83
CA GLN D 79 24.02 -8.05 -8.31
C GLN D 79 24.86 -8.33 -7.08
N GLN D 80 25.97 -9.04 -7.28
CA GLN D 80 26.87 -9.38 -6.17
C GLN D 80 27.37 -8.13 -5.47
N GLU D 81 27.48 -7.05 -6.23
CA GLU D 81 27.99 -5.78 -5.75
C GLU D 81 27.07 -5.11 -4.74
N ASP D 82 25.82 -5.59 -4.67
CA ASP D 82 24.80 -4.95 -3.84
C ASP D 82 24.86 -5.35 -2.36
N TYR D 83 25.70 -6.33 -2.03
CA TYR D 83 25.74 -6.86 -0.67
C TYR D 83 25.98 -5.80 0.41
N GLU D 84 26.97 -4.94 0.17
CA GLU D 84 27.40 -3.97 1.17
C GLU D 84 26.32 -2.96 1.53
N ARG D 85 25.59 -2.51 0.52
CA ARG D 85 24.50 -1.57 0.74
C ARG D 85 23.39 -2.25 1.53
N LEU D 86 23.03 -3.46 1.11
CA LEU D 86 21.97 -4.23 1.76
C LEU D 86 22.32 -4.57 3.21
N ALA D 87 23.58 -4.95 3.46
CA ALA D 87 24.02 -5.29 4.80
C ALA D 87 23.95 -4.09 5.73
N LYS D 88 24.30 -2.92 5.21
CA LYS D 88 24.25 -1.69 5.99
C LYS D 88 22.81 -1.33 6.32
N ILE D 89 21.92 -1.48 5.33
CA ILE D 89 20.50 -1.25 5.52
C ILE D 89 19.92 -2.10 6.64
N PHE D 90 20.13 -3.41 6.55
CA PHE D 90 19.57 -4.35 7.52
C PHE D 90 20.11 -4.17 8.94
N LYS D 91 21.38 -3.84 9.06
CA LYS D 91 21.97 -3.65 10.39
C LYS D 91 21.57 -2.29 10.97
N ASN D 92 21.76 -1.22 10.20
CA ASN D 92 21.49 0.12 10.72
C ASN D 92 20.01 0.46 10.89
N TRP D 93 19.16 -0.06 10.02
CA TRP D 93 17.72 0.23 10.08
C TRP D 93 16.90 -0.87 10.76
N TYR D 94 17.24 -2.13 10.47
CA TYR D 94 16.40 -3.25 10.87
C TYR D 94 16.97 -4.08 12.01
N SER D 95 18.12 -3.66 12.53
CA SER D 95 18.78 -4.36 13.64
C SER D 95 18.99 -5.84 13.35
N THR D 96 19.36 -6.16 12.11
CA THR D 96 19.53 -7.56 11.71
C THR D 96 20.80 -7.73 10.88
N ASN D 97 21.50 -8.83 11.12
CA ASN D 97 22.66 -9.18 10.31
C ASN D 97 22.21 -9.87 9.03
N LEU D 98 22.64 -9.35 7.89
CA LEU D 98 22.38 -10.01 6.62
C LEU D 98 23.30 -11.21 6.54
N GLU D 99 22.76 -12.38 6.84
CA GLU D 99 23.56 -13.58 6.98
C GLU D 99 24.01 -14.12 5.63
N ASN D 100 25.30 -14.36 5.48
CA ASN D 100 25.80 -15.04 4.29
C ASN D 100 25.49 -16.53 4.43
N LYS D 101 24.58 -17.02 3.58
CA LYS D 101 24.05 -18.36 3.76
C LYS D 101 24.31 -19.22 2.53
N GLU D 102 25.46 -19.90 2.51
CA GLU D 102 25.81 -20.78 1.42
C GLU D 102 24.92 -22.03 1.40
N HIS D 103 24.52 -22.44 0.21
CA HIS D 103 23.79 -23.69 0.03
C HIS D 103 24.73 -24.80 -0.39
N SER D 104 24.37 -26.05 -0.09
CA SER D 104 25.21 -27.19 -0.44
C SER D 104 25.16 -27.47 -1.94
N LEU D 105 26.32 -27.74 -2.51
CA LEU D 105 26.45 -28.00 -3.95
C LEU D 105 26.96 -29.40 -4.21
N ARG D 106 26.98 -30.23 -3.17
CA ARG D 106 27.54 -31.57 -3.27
C ARG D 106 26.64 -32.54 -4.04
N GLY D 107 25.34 -32.24 -4.08
CA GLY D 107 24.42 -33.08 -4.83
C GLY D 107 24.04 -34.34 -4.08
N TRP D 108 24.16 -34.29 -2.75
CA TRP D 108 23.77 -35.41 -1.91
C TRP D 108 22.26 -35.41 -1.65
N ASN D 109 21.72 -36.57 -1.33
CA ASN D 109 20.30 -36.68 -1.00
C ASN D 109 20.05 -37.17 0.42
N TRP D 110 21.09 -37.14 1.25
CA TRP D 110 20.95 -37.49 2.67
C TRP D 110 21.47 -36.39 3.59
N GLY D 111 20.85 -36.28 4.77
CA GLY D 111 21.18 -35.23 5.72
C GLY D 111 20.10 -35.07 6.78
N LYS D 112 19.55 -33.86 6.90
CA LYS D 112 18.53 -33.57 7.89
C LYS D 112 17.37 -32.76 7.33
N ALA D 113 16.15 -33.27 7.50
CA ALA D 113 14.95 -32.52 7.20
C ALA D 113 14.48 -31.84 8.48
N GLU D 114 14.58 -30.52 8.52
CA GLU D 114 14.26 -29.79 9.75
C GLU D 114 13.06 -28.87 9.57
N PHE D 115 12.07 -29.03 10.45
CA PHE D 115 10.90 -28.19 10.44
C PHE D 115 11.16 -26.92 11.25
N GLY D 116 11.48 -25.84 10.54
CA GLY D 116 11.74 -24.58 11.19
C GLY D 116 10.48 -23.78 11.40
N LYS D 117 10.65 -22.49 11.60
CA LYS D 117 9.56 -21.58 11.91
C LYS D 117 8.67 -21.32 10.69
N ALA D 118 9.29 -21.15 9.53
CA ALA D 118 8.56 -20.82 8.31
C ALA D 118 8.84 -21.79 7.18
N GLU D 119 9.86 -22.63 7.34
CA GLU D 119 10.29 -23.51 6.26
C GLU D 119 10.64 -24.92 6.70
N LEU D 120 10.40 -25.87 5.81
CA LEU D 120 10.99 -27.19 5.93
C LEU D 120 12.31 -27.16 5.18
N THR D 121 13.41 -27.34 5.90
CA THR D 121 14.72 -27.22 5.31
C THR D 121 15.38 -28.59 5.22
N PHE D 122 16.00 -28.90 4.09
CA PHE D 122 16.81 -30.10 3.98
C PHE D 122 18.28 -29.73 3.99
N ASN D 123 18.95 -30.11 5.09
CA ASN D 123 20.33 -29.73 5.29
C ASN D 123 21.30 -30.87 4.98
N VAL D 124 22.39 -30.54 4.30
CA VAL D 124 23.46 -31.50 4.04
C VAL D 124 24.70 -31.04 4.81
N GLN D 125 25.02 -31.75 5.88
CA GLN D 125 26.08 -31.34 6.80
C GLN D 125 25.92 -29.88 7.25
N ASN D 126 24.71 -29.55 7.69
CA ASN D 126 24.36 -28.23 8.24
C ASN D 126 24.33 -27.09 7.22
N ARG D 127 24.30 -27.44 5.93
CA ARG D 127 24.10 -26.44 4.89
C ARG D 127 22.89 -26.82 4.06
N PRO D 128 21.97 -25.85 3.87
CA PRO D 128 20.71 -26.12 3.18
C PRO D 128 20.91 -26.50 1.71
N ALA D 129 20.29 -27.61 1.29
CA ALA D 129 20.28 -27.95 -0.11
C ALA D 129 19.08 -27.25 -0.75
N PHE D 130 17.95 -27.28 -0.03
CA PHE D 130 16.74 -26.56 -0.45
C PHE D 130 15.81 -26.28 0.73
N GLU D 131 14.88 -25.35 0.53
CA GLU D 131 13.91 -24.98 1.57
C GLU D 131 12.50 -25.00 0.99
N ILE D 132 11.54 -25.46 1.79
CA ILE D 132 10.14 -25.48 1.38
C ILE D 132 9.30 -24.64 2.33
N PRO D 133 8.80 -23.50 1.85
CA PRO D 133 7.94 -22.65 2.68
C PRO D 133 6.62 -23.34 2.99
N TYR D 134 6.18 -23.25 4.25
CA TYR D 134 4.94 -23.89 4.69
C TYR D 134 3.74 -23.39 3.90
N SER D 135 3.80 -22.15 3.46
CA SER D 135 2.69 -21.53 2.72
C SER D 135 2.45 -22.19 1.36
N GLU D 136 3.45 -22.92 0.87
CA GLU D 136 3.35 -23.61 -0.41
C GLU D 136 2.74 -24.99 -0.27
N ILE D 137 2.73 -25.52 0.95
CA ILE D 137 2.34 -26.90 1.17
C ILE D 137 0.82 -27.07 1.21
N ALA D 138 0.30 -27.90 0.32
CA ALA D 138 -1.14 -28.14 0.22
C ALA D 138 -1.58 -29.24 1.17
N ASN D 139 -0.82 -30.33 1.23
CA ASN D 139 -1.16 -31.43 2.12
C ASN D 139 0.09 -32.23 2.50
N THR D 140 0.05 -32.91 3.64
CA THR D 140 1.18 -33.71 4.12
C THR D 140 0.69 -35.12 4.47
N ASN D 141 1.35 -36.16 3.95
CA ASN D 141 0.89 -37.53 4.18
C ASN D 141 1.98 -38.50 4.63
N LEU D 142 1.64 -39.35 5.58
CA LEU D 142 2.47 -40.49 5.99
C LEU D 142 2.24 -41.69 5.06
N ALA D 143 3.32 -42.19 4.46
CA ALA D 143 3.20 -43.30 3.51
C ALA D 143 3.84 -44.57 4.06
N ASN D 146 8.69 -45.15 7.58
CA ASN D 146 8.98 -43.79 8.03
C ASN D 146 9.06 -42.84 6.86
N GLU D 147 7.97 -42.69 6.10
CA GLU D 147 8.05 -41.91 4.87
C GLU D 147 7.00 -40.81 4.88
N ILE D 148 7.42 -39.57 4.61
CA ILE D 148 6.50 -38.45 4.60
C ILE D 148 6.42 -37.87 3.19
N ALA D 149 5.20 -37.72 2.68
CA ALA D 149 4.99 -37.13 1.35
C ALA D 149 4.48 -35.71 1.53
N VAL D 150 5.14 -34.78 0.86
CA VAL D 150 4.72 -33.38 0.92
C VAL D 150 4.21 -32.96 -0.45
N GLU D 151 2.92 -32.65 -0.53
CA GLU D 151 2.28 -32.40 -1.81
C GLU D 151 1.98 -30.93 -2.03
N PHE D 152 2.08 -30.49 -3.28
CA PHE D 152 1.87 -29.10 -3.64
C PHE D 152 0.72 -28.98 -4.64
N ALA D 153 0.15 -27.79 -4.75
CA ALA D 153 -0.94 -27.54 -5.70
C ALA D 153 -0.55 -26.47 -6.71
N LYS D 167 -2.54 -21.73 -5.51
CA LYS D 167 -2.29 -21.83 -4.08
C LYS D 167 -0.86 -22.22 -3.73
N SER D 168 -0.18 -22.89 -4.67
CA SER D 168 1.25 -23.15 -4.55
C SER D 168 1.67 -22.25 -5.71
N LYS D 169 2.05 -21.03 -5.34
CA LYS D 169 2.57 -20.03 -6.27
C LYS D 169 4.03 -20.20 -6.70
N LYS D 170 4.89 -20.52 -5.75
CA LYS D 170 6.32 -20.65 -6.02
C LYS D 170 6.64 -21.98 -6.70
N ALA D 171 5.80 -22.98 -6.44
CA ALA D 171 5.95 -24.28 -7.09
C ALA D 171 5.61 -24.23 -8.57
N SER D 172 4.77 -23.27 -8.94
CA SER D 172 4.27 -23.17 -10.31
C SER D 172 4.94 -22.07 -11.13
N ALA D 173 5.95 -21.43 -10.55
CA ALA D 173 6.62 -20.34 -11.22
C ALA D 173 7.51 -20.84 -12.36
N SER D 174 7.99 -22.07 -12.23
CA SER D 174 8.82 -22.67 -13.25
C SER D 174 7.93 -23.36 -14.27
N ARG D 175 8.47 -23.70 -15.42
CA ARG D 175 7.70 -24.46 -16.40
C ARG D 175 7.66 -25.90 -15.90
N ASP D 176 8.65 -26.25 -15.09
CA ASP D 176 8.66 -27.54 -14.44
C ASP D 176 8.14 -27.32 -13.02
N GLN D 177 6.86 -27.59 -12.85
CA GLN D 177 6.15 -27.31 -11.61
C GLN D 177 6.33 -28.43 -10.59
N LEU D 178 6.72 -28.07 -9.37
CA LEU D 178 6.91 -29.06 -8.32
C LEU D 178 5.56 -29.59 -7.84
N VAL D 179 5.41 -30.91 -7.83
CA VAL D 179 4.15 -31.55 -7.47
C VAL D 179 4.23 -32.24 -6.11
N GLU D 180 5.34 -32.92 -5.85
CA GLU D 180 5.46 -33.73 -4.64
C GLU D 180 6.91 -33.99 -4.23
N ILE D 181 7.15 -34.00 -2.92
CA ILE D 181 8.44 -34.43 -2.37
C ILE D 181 8.21 -35.48 -1.30
N ARG D 182 8.99 -36.55 -1.35
CA ARG D 182 8.93 -37.58 -0.30
C ARG D 182 10.25 -37.69 0.46
N PHE D 183 10.14 -37.77 1.78
CA PHE D 183 11.31 -37.88 2.64
C PHE D 183 11.28 -39.19 3.39
N TYR D 184 12.46 -39.80 3.57
CA TYR D 184 12.59 -40.89 4.51
C TYR D 184 13.16 -40.32 5.80
N ILE D 185 12.35 -40.34 6.86
CA ILE D 185 12.80 -39.82 8.15
C ILE D 185 12.62 -40.88 9.22
N PRO D 186 13.73 -41.53 9.62
CA PRO D 186 13.68 -42.59 10.63
C PRO D 186 13.27 -42.07 12.00
N GLY D 187 13.45 -40.77 12.23
CA GLY D 187 12.93 -40.16 13.43
C GLY D 187 11.42 -40.00 13.32
N THR D 188 10.70 -41.05 13.69
CA THR D 188 9.25 -41.12 13.51
C THR D 188 8.68 -42.33 14.23
N LYS E 7 33.96 -44.18 -3.67
CA LYS E 7 32.70 -43.97 -2.97
C LYS E 7 32.32 -42.49 -2.99
N ARG E 8 33.16 -41.64 -2.42
CA ARG E 8 32.84 -40.22 -2.34
C ARG E 8 32.74 -39.55 -3.70
N PHE E 9 31.59 -38.92 -3.91
CA PHE E 9 31.31 -38.13 -5.11
C PHE E 9 30.87 -36.74 -4.70
N GLU E 10 30.85 -35.82 -5.67
CA GLU E 10 30.50 -34.43 -5.41
C GLU E 10 30.20 -33.73 -6.73
N SER E 11 29.02 -33.13 -6.83
CA SER E 11 28.57 -32.51 -8.06
C SER E 11 29.39 -31.27 -8.42
N TYR E 12 29.31 -30.25 -7.57
CA TYR E 12 30.00 -29.00 -7.85
C TYR E 12 30.83 -28.51 -6.66
N LYS E 13 31.78 -27.64 -6.96
CA LYS E 13 32.69 -27.04 -5.98
C LYS E 13 32.29 -25.61 -5.67
N ARG E 14 31.87 -24.88 -6.71
CA ARG E 14 31.47 -23.48 -6.57
C ARG E 14 30.26 -23.17 -7.47
N ASP E 15 29.57 -22.08 -7.15
CA ASP E 15 28.37 -21.67 -7.87
C ASP E 15 28.58 -21.51 -9.39
N ASN E 16 29.73 -20.98 -9.79
CA ASN E 16 29.99 -20.66 -11.19
C ASN E 16 30.18 -21.85 -12.13
N GLN E 17 30.17 -23.06 -11.57
CA GLN E 17 30.27 -24.26 -12.40
C GLN E 17 28.89 -24.77 -12.78
N LEU E 18 27.84 -24.12 -12.25
CA LEU E 18 26.48 -24.46 -12.62
C LEU E 18 26.23 -24.03 -14.05
N PRO E 19 25.55 -24.89 -14.83
CA PRO E 19 25.20 -24.55 -16.21
C PRO E 19 24.28 -23.32 -16.26
N PRO E 20 24.60 -22.35 -17.14
CA PRO E 20 23.91 -21.04 -17.21
C PRO E 20 22.40 -21.11 -17.50
N LYS E 21 21.91 -22.19 -18.11
CA LYS E 21 20.48 -22.33 -18.41
C LYS E 21 19.65 -22.55 -17.14
N VAL E 22 20.34 -22.66 -16.01
CA VAL E 22 19.72 -22.68 -14.68
C VAL E 22 18.82 -21.47 -14.43
N ARG E 23 19.16 -20.36 -15.07
CA ARG E 23 18.49 -19.08 -14.88
C ARG E 23 17.02 -19.12 -15.29
N ASP E 24 16.65 -20.18 -16.00
CA ASP E 24 15.29 -20.31 -16.53
C ASP E 24 14.39 -21.11 -15.59
N MET E 25 14.95 -21.50 -14.45
CA MET E 25 14.23 -22.29 -13.46
C MET E 25 13.71 -23.60 -14.04
N GLY E 26 14.47 -24.20 -14.94
CA GLY E 26 14.04 -25.45 -15.52
C GLY E 26 14.97 -26.59 -15.15
N ILE E 27 14.51 -27.82 -15.36
CA ILE E 27 15.33 -28.99 -15.13
C ILE E 27 16.49 -28.99 -16.11
N VAL E 28 17.72 -29.07 -15.59
CA VAL E 28 18.89 -29.08 -16.45
C VAL E 28 19.74 -30.30 -16.09
N ILE E 29 20.09 -31.10 -17.09
CA ILE E 29 20.98 -32.25 -16.88
C ILE E 29 22.39 -31.90 -17.36
N ASP E 30 23.36 -32.14 -16.49
CA ASP E 30 24.76 -31.82 -16.76
C ASP E 30 25.55 -33.13 -16.82
N GLN E 31 25.53 -33.79 -17.97
CA GLN E 31 26.19 -35.09 -18.13
C GLN E 31 27.68 -34.99 -17.83
N LYS E 32 28.26 -33.83 -18.16
CA LYS E 32 29.69 -33.62 -18.04
C LYS E 32 30.11 -33.72 -16.57
N ASN E 33 29.23 -33.27 -15.68
CA ASN E 33 29.50 -33.30 -14.24
C ASN E 33 28.70 -34.37 -13.51
N ASN E 34 28.09 -35.27 -14.28
CA ASN E 34 27.34 -36.40 -13.73
C ASN E 34 26.25 -35.94 -12.78
N THR E 35 25.52 -34.89 -13.17
CA THR E 35 24.63 -34.22 -12.24
C THR E 35 23.38 -33.72 -12.95
N ILE E 36 22.24 -33.79 -12.26
CA ILE E 36 21.03 -33.13 -12.72
C ILE E 36 20.75 -31.97 -11.77
N VAL E 37 20.15 -30.90 -12.30
CA VAL E 37 19.86 -29.71 -11.51
C VAL E 37 18.37 -29.46 -11.50
N LEU E 38 17.76 -29.59 -10.32
CA LEU E 38 16.32 -29.47 -10.21
C LEU E 38 15.93 -28.14 -9.58
N PRO E 39 14.91 -27.48 -10.16
CA PRO E 39 14.44 -26.18 -9.70
C PRO E 39 13.49 -26.35 -8.50
N ILE E 40 13.96 -25.95 -7.33
CA ILE E 40 13.16 -26.08 -6.12
C ILE E 40 12.98 -24.72 -5.44
N MET E 41 11.77 -24.17 -5.56
CA MET E 41 11.41 -22.91 -4.92
C MET E 41 12.33 -21.76 -5.28
N GLY E 42 12.69 -21.67 -6.56
CA GLY E 42 13.49 -20.56 -7.04
C GLY E 42 14.97 -20.84 -6.99
N ARG E 43 15.31 -22.09 -6.66
CA ARG E 43 16.71 -22.46 -6.47
C ARG E 43 17.10 -23.68 -7.30
N PRO E 44 18.22 -23.57 -8.03
CA PRO E 44 18.79 -24.69 -8.78
C PRO E 44 19.51 -25.65 -7.83
N VAL E 45 18.96 -26.84 -7.65
CA VAL E 45 19.50 -27.79 -6.69
C VAL E 45 20.14 -28.99 -7.38
N PRO E 46 21.44 -29.22 -7.13
CA PRO E 46 22.16 -30.35 -7.73
C PRO E 46 21.84 -31.68 -7.05
N PHE E 47 21.69 -32.72 -7.84
CA PHE E 47 21.64 -34.09 -7.33
C PHE E 47 22.55 -34.95 -8.21
N HIS E 48 23.53 -35.59 -7.60
CA HIS E 48 24.49 -36.39 -8.34
C HIS E 48 23.83 -37.65 -8.84
N ILE E 49 24.30 -38.18 -9.97
CA ILE E 49 23.69 -39.35 -10.59
C ILE E 49 23.82 -40.60 -9.72
N ASN E 50 24.86 -40.64 -8.88
CA ASN E 50 25.07 -41.78 -7.98
C ASN E 50 24.02 -41.81 -6.86
N THR E 51 23.17 -40.80 -6.82
CA THR E 51 22.15 -40.65 -5.79
C THR E 51 20.78 -41.10 -6.31
N ILE E 52 20.69 -41.22 -7.63
CA ILE E 52 19.41 -41.47 -8.31
C ILE E 52 19.21 -42.94 -8.68
N LYS E 53 18.02 -43.47 -8.41
CA LYS E 53 17.66 -44.84 -8.78
C LYS E 53 17.20 -44.91 -10.23
N ASN E 54 16.08 -44.26 -10.53
CA ASN E 54 15.53 -44.21 -11.87
C ASN E 54 14.69 -42.95 -12.07
N ALA E 55 14.25 -42.73 -13.31
CA ALA E 55 13.33 -41.65 -13.60
C ALA E 55 12.24 -42.17 -14.52
N SER E 56 11.00 -41.81 -14.21
CA SER E 56 9.88 -42.30 -15.01
C SER E 56 8.97 -41.17 -15.45
N LYS E 57 8.55 -41.24 -16.72
CA LYS E 57 7.64 -40.26 -17.29
C LYS E 57 6.24 -40.84 -17.34
N SER E 58 5.23 -39.98 -17.20
CA SER E 58 3.85 -40.41 -17.32
C SER E 58 2.99 -39.29 -17.90
N ASP E 59 1.82 -39.67 -18.41
CA ASP E 59 0.90 -38.71 -19.01
C ASP E 59 -0.50 -38.88 -18.41
N GLU E 60 -1.11 -37.79 -17.99
CA GLU E 60 -2.55 -37.81 -17.72
C GLU E 60 -3.20 -36.53 -18.23
N GLY E 61 -3.80 -36.60 -19.42
CA GLY E 61 -4.42 -35.43 -20.01
C GLY E 61 -3.42 -34.45 -20.58
N GLU E 62 -3.56 -33.19 -20.16
CA GLU E 62 -2.74 -32.10 -20.64
C GLU E 62 -1.45 -31.96 -19.83
N TRP E 63 -1.36 -32.69 -18.73
CA TRP E 63 -0.16 -32.65 -17.90
C TRP E 63 0.69 -33.91 -18.06
N SER E 64 2.00 -33.72 -18.15
CA SER E 64 2.94 -34.83 -18.14
C SER E 64 3.73 -34.82 -16.85
N PHE E 65 4.18 -35.99 -16.40
CA PHE E 65 4.86 -36.06 -15.11
C PHE E 65 6.22 -36.75 -15.20
N LEU E 66 7.20 -36.12 -14.57
CA LEU E 66 8.54 -36.70 -14.47
C LEU E 66 8.81 -36.97 -13.00
N ARG E 67 8.86 -38.26 -12.65
CA ARG E 67 9.17 -38.65 -11.29
C ARG E 67 10.56 -39.25 -11.15
N ILE E 68 11.37 -38.61 -10.31
CA ILE E 68 12.72 -39.08 -10.03
C ILE E 68 12.76 -39.80 -8.70
N ASN E 69 13.14 -41.07 -8.72
CA ASN E 69 13.30 -41.84 -7.49
C ASN E 69 14.77 -41.91 -7.09
N PHE E 70 15.03 -41.69 -5.81
CA PHE E 70 16.40 -41.67 -5.32
C PHE E 70 16.71 -42.97 -4.59
N LEU E 71 18.01 -43.25 -4.42
CA LEU E 71 18.44 -44.39 -3.64
C LEU E 71 18.39 -44.04 -2.15
N SER E 72 17.67 -44.85 -1.38
CA SER E 72 17.45 -44.59 0.02
C SER E 72 17.24 -45.91 0.73
N PRO E 73 17.38 -45.92 2.07
CA PRO E 73 17.08 -47.13 2.84
C PRO E 73 15.71 -47.68 2.51
N GLY E 74 15.65 -48.92 2.04
CA GLY E 74 14.41 -49.50 1.56
C GLY E 74 14.16 -49.35 0.06
N GLN E 75 14.73 -48.31 -0.54
CA GLN E 75 14.50 -48.05 -1.97
C GLN E 75 15.77 -48.20 -2.79
N PHE E 85 27.21 -44.39 4.18
CA PHE E 85 27.03 -42.94 4.31
C PHE E 85 27.67 -42.46 5.60
N GLU E 86 28.03 -43.41 6.46
CA GLU E 86 28.56 -43.12 7.79
C GLU E 86 27.62 -42.20 8.58
N ASP E 87 26.32 -42.36 8.36
CA ASP E 87 25.31 -41.55 9.03
C ASP E 87 24.03 -42.37 9.23
N ALA E 88 23.97 -43.13 10.32
CA ALA E 88 22.89 -44.08 10.55
C ALA E 88 21.52 -43.43 10.72
N SER E 89 21.50 -42.20 11.23
CA SER E 89 20.25 -41.51 11.51
C SER E 89 19.91 -40.51 10.42
N ALA E 90 20.57 -40.63 9.27
CA ALA E 90 20.40 -39.66 8.19
C ALA E 90 18.99 -39.69 7.60
N HIS E 91 18.46 -38.50 7.28
CA HIS E 91 17.21 -38.40 6.56
C HIS E 91 17.53 -38.42 5.08
N PHE E 92 16.61 -38.94 4.26
CA PHE E 92 16.85 -39.03 2.83
C PHE E 92 15.75 -38.36 2.03
N VAL E 93 16.10 -37.80 0.87
CA VAL E 93 15.09 -37.44 -0.11
C VAL E 93 14.76 -38.73 -0.88
N ARG E 94 13.48 -39.10 -0.88
CA ARG E 94 13.02 -40.35 -1.47
C ARG E 94 12.71 -40.20 -2.95
N SER E 95 11.98 -39.14 -3.27
CA SER E 95 11.59 -38.88 -4.65
C SER E 95 11.15 -37.44 -4.84
N LEU E 96 11.12 -37.02 -6.11
CA LEU E 96 10.55 -35.73 -6.49
C LEU E 96 9.78 -35.91 -7.79
N THR E 97 8.66 -35.22 -7.93
CA THR E 97 7.86 -35.30 -9.15
C THR E 97 7.54 -33.91 -9.67
N PHE E 98 7.80 -33.68 -10.96
CA PHE E 98 7.47 -32.40 -11.59
C PHE E 98 6.41 -32.61 -12.66
N ARG E 99 5.71 -31.53 -13.01
CA ARG E 99 4.74 -31.58 -14.10
C ARG E 99 4.94 -30.43 -15.08
N SER E 100 4.71 -30.70 -16.36
CA SER E 100 4.74 -29.68 -17.41
C SER E 100 3.86 -30.14 -18.56
N THR E 101 3.68 -29.29 -19.56
CA THR E 101 2.87 -29.64 -20.73
C THR E 101 3.71 -30.31 -21.83
N ASP E 102 5.02 -30.19 -21.72
CA ASP E 102 5.93 -30.83 -22.69
C ASP E 102 6.21 -32.28 -22.32
N GLY E 103 5.34 -33.20 -22.75
CA GLY E 103 5.52 -34.61 -22.49
C GLY E 103 6.77 -35.16 -23.16
N ASP E 104 7.10 -34.58 -24.31
CA ASP E 104 8.23 -35.02 -25.11
C ASP E 104 9.57 -34.62 -24.49
N ARG E 105 9.61 -33.46 -23.84
CA ARG E 105 10.83 -33.03 -23.16
C ARG E 105 11.12 -34.00 -22.01
N TYR E 106 10.07 -34.41 -21.30
CA TYR E 106 10.20 -35.29 -20.15
C TYR E 106 10.64 -36.70 -20.57
N ALA E 107 10.25 -37.11 -21.77
CA ALA E 107 10.65 -38.41 -22.29
C ALA E 107 12.14 -38.46 -22.57
N GLU E 108 12.67 -37.38 -23.13
CA GLU E 108 14.10 -37.30 -23.41
C GLU E 108 14.89 -37.25 -22.10
N ILE E 109 14.41 -36.44 -21.15
CA ILE E 109 15.04 -36.27 -19.85
C ILE E 109 15.16 -37.59 -19.08
N ALA E 110 14.05 -38.33 -19.03
CA ALA E 110 14.03 -39.64 -18.36
C ALA E 110 15.04 -40.59 -19.00
N ASN E 111 15.21 -40.46 -20.31
CA ASN E 111 16.12 -41.31 -21.07
C ASN E 111 17.59 -40.95 -20.81
N GLN E 112 17.88 -39.66 -20.80
CA GLN E 112 19.24 -39.15 -20.52
C GLN E 112 19.69 -39.57 -19.13
N ILE E 113 18.77 -39.50 -18.17
CA ILE E 113 19.05 -39.88 -16.79
C ILE E 113 19.35 -41.38 -16.73
N SER E 114 18.57 -42.17 -17.46
CA SER E 114 18.76 -43.62 -17.47
C SER E 114 20.10 -44.07 -18.04
N ASN E 115 20.51 -43.48 -19.17
CA ASN E 115 21.80 -43.83 -19.77
C ASN E 115 22.98 -43.26 -18.99
N LEU E 116 22.78 -42.10 -18.37
CA LEU E 116 23.81 -41.49 -17.52
C LEU E 116 24.12 -42.41 -16.34
N LYS E 117 23.09 -42.99 -15.75
CA LYS E 117 23.28 -43.89 -14.63
C LYS E 117 24.00 -45.16 -15.05
N ARG E 118 23.71 -45.60 -16.27
CA ARG E 118 24.27 -46.83 -16.83
C ARG E 118 25.76 -46.73 -17.17
N GLU E 119 26.24 -45.53 -17.48
CA GLU E 119 27.67 -45.29 -17.65
C GLU E 119 28.41 -45.44 -16.32
N ALA E 120 27.77 -44.97 -15.25
CA ALA E 120 28.36 -44.93 -13.92
C ALA E 120 28.88 -46.27 -13.42
N VAL E 121 28.32 -47.36 -13.95
CA VAL E 121 28.74 -48.70 -13.57
C VAL E 121 29.99 -49.12 -14.35
N PHE F 6 35.68 24.81 -20.61
CA PHE F 6 34.41 24.28 -21.10
C PHE F 6 34.07 24.71 -22.52
N LYS F 7 33.77 23.72 -23.36
CA LYS F 7 33.35 23.99 -24.72
C LYS F 7 31.83 24.01 -24.83
N ARG F 8 31.28 25.21 -25.02
CA ARG F 8 29.84 25.41 -25.13
C ARG F 8 29.29 24.76 -26.38
N PHE F 9 28.25 23.94 -26.22
CA PHE F 9 27.62 23.26 -27.34
C PHE F 9 26.14 23.60 -27.44
N GLU F 10 25.55 23.27 -28.58
CA GLU F 10 24.16 23.61 -28.85
C GLU F 10 23.65 22.78 -30.03
N SER F 11 22.54 22.08 -29.83
CA SER F 11 22.01 21.18 -30.85
C SER F 11 21.48 21.94 -32.06
N TYR F 12 20.45 22.76 -31.85
CA TYR F 12 19.84 23.47 -32.96
C TYR F 12 19.69 24.96 -32.70
N LYS F 13 19.54 25.71 -33.78
CA LYS F 13 19.40 27.16 -33.73
C LYS F 13 17.94 27.51 -34.00
N ARG F 14 17.31 26.74 -34.87
CA ARG F 14 15.95 27.00 -35.31
C ARG F 14 15.13 25.72 -35.42
N ASP F 15 13.81 25.86 -35.32
CA ASP F 15 12.89 24.73 -35.41
C ASP F 15 13.03 23.98 -36.74
N ASN F 16 13.28 24.72 -37.81
CA ASN F 16 13.34 24.12 -39.16
C ASN F 16 14.56 23.24 -39.45
N GLN F 17 15.48 23.15 -38.49
CA GLN F 17 16.62 22.25 -38.66
C GLN F 17 16.37 20.86 -38.08
N LEU F 18 15.21 20.67 -37.46
CA LEU F 18 14.86 19.35 -36.94
C LEU F 18 14.62 18.41 -38.11
N PRO F 19 15.13 17.18 -37.99
CA PRO F 19 14.90 16.18 -39.04
C PRO F 19 13.41 15.93 -39.18
N PRO F 20 12.89 15.96 -40.43
CA PRO F 20 11.45 15.92 -40.70
C PRO F 20 10.72 14.67 -40.22
N LYS F 21 11.42 13.54 -40.10
CA LYS F 21 10.79 12.30 -39.64
C LYS F 21 10.47 12.34 -38.16
N VAL F 22 10.84 13.45 -37.52
CA VAL F 22 10.44 13.75 -36.16
C VAL F 22 8.91 13.74 -35.96
N ARG F 23 8.17 14.09 -37.01
CA ARG F 23 6.71 14.15 -36.92
C ARG F 23 6.04 12.80 -36.67
N ASP F 24 6.82 11.72 -36.68
CA ASP F 24 6.28 10.39 -36.41
C ASP F 24 6.34 10.12 -34.92
N MET F 25 6.84 11.11 -34.17
CA MET F 25 6.93 11.03 -32.72
C MET F 25 7.75 9.84 -32.27
N GLY F 26 8.80 9.52 -33.01
CA GLY F 26 9.66 8.42 -32.65
C GLY F 26 11.06 8.91 -32.32
N ILE F 27 11.87 8.03 -31.72
CA ILE F 27 13.24 8.36 -31.41
C ILE F 27 14.04 8.57 -32.70
N VAL F 28 14.71 9.70 -32.80
CA VAL F 28 15.48 10.05 -33.99
C VAL F 28 16.91 10.41 -33.60
N ILE F 29 17.89 9.79 -34.25
CA ILE F 29 19.28 10.13 -34.01
C ILE F 29 19.74 11.02 -35.16
N ASP F 30 20.31 12.18 -34.85
CA ASP F 30 20.74 13.13 -35.87
C ASP F 30 22.25 13.27 -35.80
N GLN F 31 22.95 12.35 -36.46
CA GLN F 31 24.42 12.29 -36.40
C GLN F 31 25.09 13.56 -36.91
N LYS F 32 24.47 14.20 -37.90
CA LYS F 32 25.04 15.40 -38.51
C LYS F 32 25.10 16.54 -37.50
N ASN F 33 24.11 16.59 -36.62
CA ASN F 33 24.03 17.66 -35.64
C ASN F 33 24.41 17.17 -34.24
N ASN F 34 24.97 15.97 -34.18
CA ASN F 34 25.52 15.41 -32.95
C ASN F 34 24.47 15.39 -31.83
N THR F 35 23.26 14.98 -32.16
CA THR F 35 22.12 15.16 -31.27
C THR F 35 21.13 13.99 -31.41
N ILE F 36 20.50 13.61 -30.30
CA ILE F 36 19.36 12.70 -30.36
C ILE F 36 18.09 13.49 -30.03
N VAL F 37 16.97 13.11 -30.64
CA VAL F 37 15.71 13.80 -30.43
C VAL F 37 14.67 12.83 -29.87
N LEU F 38 14.23 13.09 -28.65
CA LEU F 38 13.34 12.16 -27.95
C LEU F 38 11.91 12.69 -27.90
N PRO F 39 10.93 11.82 -28.18
CA PRO F 39 9.52 12.21 -28.18
C PRO F 39 8.93 12.25 -26.78
N ILE F 40 8.66 13.45 -26.30
CA ILE F 40 8.09 13.63 -24.96
C ILE F 40 6.78 14.41 -25.04
N MET F 41 5.68 13.70 -24.84
CA MET F 41 4.34 14.29 -24.79
C MET F 41 3.98 15.09 -26.05
N GLY F 42 4.32 14.54 -27.21
CA GLY F 42 3.94 15.15 -28.47
C GLY F 42 4.95 16.15 -28.96
N ARG F 43 6.08 16.22 -28.29
CA ARG F 43 7.10 17.21 -28.61
C ARG F 43 8.45 16.54 -28.83
N PRO F 44 9.08 16.84 -29.97
CA PRO F 44 10.43 16.37 -30.27
C PRO F 44 11.45 17.16 -29.47
N VAL F 45 12.09 16.50 -28.50
CA VAL F 45 13.00 17.18 -27.60
C VAL F 45 14.44 16.79 -27.88
N PRO F 46 15.28 17.79 -28.21
CA PRO F 46 16.69 17.56 -28.51
C PRO F 46 17.54 17.32 -27.27
N PHE F 47 18.47 16.38 -27.35
CA PHE F 47 19.52 16.24 -26.34
C PHE F 47 20.86 16.05 -27.04
N HIS F 48 21.80 16.93 -26.75
CA HIS F 48 23.10 16.88 -27.39
C HIS F 48 23.89 15.67 -26.90
N ILE F 49 24.78 15.16 -27.74
CA ILE F 49 25.53 13.96 -27.41
C ILE F 49 26.48 14.16 -26.22
N ASN F 50 26.93 15.41 -26.01
CA ASN F 50 27.81 15.74 -24.89
C ASN F 50 27.09 15.69 -23.55
N THR F 51 25.78 15.45 -23.60
CA THR F 51 24.91 15.44 -22.43
C THR F 51 24.64 14.00 -22.01
N ILE F 52 24.97 13.07 -22.90
CA ILE F 52 24.60 11.66 -22.75
C ILE F 52 25.75 10.80 -22.22
N LYS F 53 25.46 9.98 -21.23
CA LYS F 53 26.43 9.04 -20.65
C LYS F 53 26.49 7.76 -21.48
N ASN F 54 25.39 7.01 -21.49
CA ASN F 54 25.27 5.78 -22.28
C ASN F 54 23.83 5.44 -22.61
N ALA F 55 23.63 4.42 -23.43
CA ALA F 55 22.29 3.90 -23.72
C ALA F 55 22.31 2.37 -23.70
N SER F 56 21.32 1.77 -23.04
CA SER F 56 21.25 0.32 -22.93
C SER F 56 19.86 -0.23 -23.27
N LYS F 57 19.83 -1.35 -24.00
CA LYS F 57 18.59 -2.01 -24.37
C LYS F 57 18.34 -3.23 -23.48
N SER F 58 17.07 -3.54 -23.23
CA SER F 58 16.70 -4.70 -22.43
C SER F 58 15.35 -5.28 -22.87
N ASP F 59 15.07 -6.52 -22.47
CA ASP F 59 13.81 -7.18 -22.82
C ASP F 59 13.12 -7.77 -21.60
N GLU F 60 11.82 -7.49 -21.46
CA GLU F 60 10.97 -8.23 -20.52
C GLU F 60 9.62 -8.57 -21.11
N GLY F 61 9.46 -9.84 -21.49
CA GLY F 61 8.27 -10.32 -22.15
C GLY F 61 8.35 -9.91 -23.60
N GLU F 62 7.26 -9.30 -24.08
CA GLU F 62 7.20 -8.85 -25.46
C GLU F 62 7.70 -7.41 -25.60
N TRP F 63 8.02 -6.79 -24.47
CA TRP F 63 8.47 -5.40 -24.50
C TRP F 63 9.98 -5.28 -24.44
N SER F 64 10.52 -4.36 -25.25
CA SER F 64 11.93 -4.03 -25.19
C SER F 64 12.05 -2.64 -24.58
N PHE F 65 13.16 -2.38 -23.90
CA PHE F 65 13.32 -1.12 -23.20
C PHE F 65 14.61 -0.43 -23.58
N LEU F 66 14.52 0.88 -23.85
CA LEU F 66 15.69 1.66 -24.19
C LEU F 66 15.91 2.66 -23.07
N ARG F 67 16.97 2.48 -22.30
CA ARG F 67 17.29 3.39 -21.22
C ARG F 67 18.49 4.28 -21.54
N ILE F 68 18.24 5.58 -21.55
CA ILE F 68 19.28 6.58 -21.81
C ILE F 68 19.71 7.26 -20.52
N ASN F 69 20.99 7.12 -20.17
CA ASN F 69 21.53 7.78 -18.99
C ASN F 69 22.30 9.05 -19.36
N PHE F 70 22.07 10.10 -18.58
CA PHE F 70 22.69 11.40 -18.84
C PHE F 70 23.82 11.69 -17.86
N LEU F 71 24.68 12.63 -18.23
CA LEU F 71 25.75 13.10 -17.35
C LEU F 71 25.19 14.10 -16.34
N SER F 72 25.42 13.83 -15.06
CA SER F 72 24.90 14.66 -13.99
C SER F 72 25.82 14.54 -12.78
N PRO F 73 25.73 15.51 -11.85
CA PRO F 73 26.46 15.39 -10.59
C PRO F 73 26.14 14.06 -9.91
N GLY F 74 27.17 13.25 -9.65
CA GLY F 74 26.98 11.90 -9.15
C GLY F 74 26.93 10.85 -10.25
N GLN F 75 26.49 11.25 -11.45
CA GLN F 75 26.40 10.31 -12.56
C GLN F 75 27.26 10.93 -13.66
N GLY F 76 28.57 10.98 -13.44
CA GLY F 76 29.56 11.18 -14.47
C GLY F 76 30.17 12.56 -14.41
N PRO F 84 32.12 24.65 -14.61
CA PRO F 84 31.59 23.69 -15.58
C PRO F 84 30.32 24.18 -16.26
N PHE F 85 29.19 24.13 -15.57
CA PHE F 85 27.92 24.60 -16.13
C PHE F 85 27.64 26.04 -15.70
N GLU F 86 28.44 26.54 -14.76
CA GLU F 86 28.23 27.86 -14.16
C GLU F 86 26.81 27.98 -13.59
N ASP F 87 26.30 26.87 -13.07
CA ASP F 87 24.97 26.83 -12.49
C ASP F 87 24.98 25.83 -11.33
N ALA F 88 25.40 26.30 -10.16
CA ALA F 88 25.64 25.43 -9.01
C ALA F 88 24.38 24.77 -8.46
N SER F 89 23.23 25.43 -8.60
CA SER F 89 21.98 24.94 -8.05
C SER F 89 21.10 24.27 -9.11
N ALA F 90 21.69 23.95 -10.25
CA ALA F 90 20.95 23.43 -11.40
C ALA F 90 20.33 22.04 -11.15
N HIS F 91 19.14 21.84 -11.69
CA HIS F 91 18.50 20.53 -11.71
C HIS F 91 18.94 19.79 -12.97
N PHE F 92 19.01 18.46 -12.91
CA PHE F 92 19.43 17.69 -14.07
C PHE F 92 18.42 16.60 -14.43
N VAL F 93 18.31 16.31 -15.73
CA VAL F 93 17.67 15.08 -16.18
C VAL F 93 18.74 14.00 -16.10
N ARG F 94 18.55 13.00 -15.28
CA ARG F 94 19.44 11.89 -15.14
C ARG F 94 19.21 10.70 -16.03
N SER F 95 18.00 10.38 -16.33
CA SER F 95 17.66 9.30 -17.26
C SER F 95 16.21 9.33 -17.71
N LEU F 96 15.94 8.69 -18.84
CA LEU F 96 14.58 8.39 -19.26
C LEU F 96 14.54 7.05 -19.99
N THR F 97 13.42 6.35 -19.89
CA THR F 97 13.26 5.02 -20.50
C THR F 97 12.05 4.93 -21.41
N PHE F 98 12.25 4.36 -22.59
CA PHE F 98 11.14 4.12 -23.50
C PHE F 98 10.95 2.61 -23.67
N ARG F 99 9.75 2.23 -24.09
CA ARG F 99 9.47 0.84 -24.41
C ARG F 99 8.78 0.71 -25.77
N SER F 100 9.10 -0.36 -26.47
CA SER F 100 8.46 -0.69 -27.74
C SER F 100 8.58 -2.19 -27.96
N THR F 101 7.90 -2.69 -28.98
CA THR F 101 7.96 -4.10 -29.32
C THR F 101 9.08 -4.39 -30.31
N ASP F 102 9.64 -3.34 -30.89
CA ASP F 102 10.76 -3.48 -31.83
C ASP F 102 12.09 -3.60 -31.10
N GLY F 103 12.41 -4.83 -30.68
CA GLY F 103 13.66 -5.09 -29.98
C GLY F 103 14.88 -4.84 -30.83
N ASP F 104 14.75 -5.11 -32.12
CA ASP F 104 15.86 -4.95 -33.05
C ASP F 104 16.17 -3.49 -33.35
N ARG F 105 15.13 -2.67 -33.38
CA ARG F 105 15.31 -1.23 -33.58
C ARG F 105 16.05 -0.59 -32.41
N TYR F 106 15.69 -1.00 -31.20
CA TYR F 106 16.30 -0.45 -29.99
C TYR F 106 17.76 -0.84 -29.86
N ALA F 107 18.10 -2.02 -30.37
CA ALA F 107 19.48 -2.47 -30.38
C ALA F 107 20.31 -1.60 -31.32
N GLU F 108 19.73 -1.24 -32.45
CA GLU F 108 20.37 -0.35 -33.41
C GLU F 108 20.58 1.05 -32.84
N ILE F 109 19.53 1.59 -32.23
CA ILE F 109 19.58 2.92 -31.63
C ILE F 109 20.64 3.01 -30.55
N ALA F 110 20.67 2.02 -29.66
CA ALA F 110 21.69 1.97 -28.62
C ALA F 110 23.09 1.93 -29.24
N ASN F 111 23.20 1.24 -30.39
CA ASN F 111 24.45 1.14 -31.10
C ASN F 111 24.80 2.45 -31.79
N GLN F 112 23.81 3.09 -32.42
CA GLN F 112 24.01 4.39 -33.06
C GLN F 112 24.42 5.44 -32.03
N ILE F 113 23.78 5.39 -30.86
CA ILE F 113 24.09 6.30 -29.77
C ILE F 113 25.49 6.02 -29.21
N SER F 114 25.80 4.74 -29.02
CA SER F 114 27.10 4.33 -28.51
C SER F 114 28.22 4.76 -29.46
N ASN F 115 27.99 4.62 -30.75
CA ASN F 115 28.96 5.01 -31.77
C ASN F 115 29.10 6.53 -31.90
N LEU F 116 27.97 7.23 -31.73
CA LEU F 116 27.95 8.70 -31.77
C LEU F 116 28.77 9.28 -30.63
N LYS F 117 28.72 8.63 -29.47
CA LYS F 117 29.47 9.07 -28.30
C LYS F 117 30.98 9.07 -28.58
N ARG F 118 31.41 8.14 -29.42
CA ARG F 118 32.81 8.06 -29.82
C ARG F 118 33.17 9.17 -30.79
N PHE G 6 -24.81 50.59 6.01
CA PHE G 6 -24.47 49.18 6.13
C PHE G 6 -24.29 48.83 7.60
N LYS G 7 -25.05 47.85 8.09
CA LYS G 7 -24.83 47.40 9.46
C LYS G 7 -23.95 46.18 9.48
N ARG G 8 -22.82 46.30 10.17
CA ARG G 8 -21.84 45.22 10.24
C ARG G 8 -22.37 44.06 11.07
N PHE G 9 -22.35 42.87 10.47
CA PHE G 9 -22.73 41.65 11.17
C PHE G 9 -21.59 40.64 11.09
N GLU G 10 -21.65 39.62 11.94
CA GLU G 10 -20.59 38.64 12.03
C GLU G 10 -21.14 37.44 12.78
N SER G 11 -21.06 36.27 12.16
CA SER G 11 -21.66 35.06 12.71
C SER G 11 -20.94 34.63 13.99
N TYR G 12 -19.66 34.32 13.87
CA TYR G 12 -18.89 33.83 15.00
C TYR G 12 -17.60 34.60 15.19
N LYS G 13 -17.05 34.49 16.39
CA LYS G 13 -15.82 35.15 16.78
C LYS G 13 -14.70 34.13 16.74
N ARG G 14 -14.98 32.93 17.21
CA ARG G 14 -13.98 31.86 17.22
C ARG G 14 -14.61 30.47 17.07
N ASP G 15 -13.78 29.48 16.72
CA ASP G 15 -14.23 28.12 16.41
C ASP G 15 -15.10 27.45 17.47
N ASN G 16 -14.83 27.69 18.76
CA ASN G 16 -15.55 26.99 19.82
C ASN G 16 -17.02 27.41 19.99
N GLN G 17 -17.47 28.38 19.21
CA GLN G 17 -18.88 28.78 19.24
C GLN G 17 -19.72 28.05 18.21
N LEU G 18 -19.09 27.24 17.36
CA LEU G 18 -19.84 26.44 16.41
C LEU G 18 -20.60 25.35 17.15
N PRO G 19 -21.86 25.13 16.76
CA PRO G 19 -22.69 24.08 17.37
C PRO G 19 -22.07 22.70 17.17
N PRO G 20 -21.99 21.90 18.25
CA PRO G 20 -21.28 20.62 18.28
C PRO G 20 -21.76 19.60 17.26
N LYS G 21 -23.02 19.71 16.85
CA LYS G 21 -23.61 18.75 15.93
C LYS G 21 -23.08 18.93 14.50
N VAL G 22 -22.25 19.95 14.34
CA VAL G 22 -21.49 20.21 13.11
C VAL G 22 -20.65 19.01 12.66
N ARG G 23 -20.20 18.20 13.62
CA ARG G 23 -19.31 17.07 13.34
C ARG G 23 -19.97 16.02 12.46
N ASP G 24 -21.29 16.13 12.29
CA ASP G 24 -22.06 15.14 11.55
C ASP G 24 -22.16 15.50 10.07
N MET G 25 -21.53 16.61 9.69
CA MET G 25 -21.50 17.07 8.30
C MET G 25 -22.88 17.30 7.67
N GLY G 26 -23.81 17.82 8.47
CA GLY G 26 -25.13 18.14 7.94
C GLY G 26 -25.41 19.63 8.05
N ILE G 27 -26.45 20.10 7.37
CA ILE G 27 -26.87 21.49 7.48
C ILE G 27 -27.37 21.74 8.90
N VAL G 28 -26.85 22.79 9.54
CA VAL G 28 -27.20 23.10 10.92
C VAL G 28 -27.69 24.53 11.05
N ILE G 29 -28.82 24.71 11.73
CA ILE G 29 -29.37 26.04 11.99
C ILE G 29 -29.01 26.49 13.41
N ASP G 30 -28.44 27.68 13.52
CA ASP G 30 -28.06 28.24 14.81
C ASP G 30 -28.88 29.51 15.05
N GLN G 31 -30.11 29.35 15.52
CA GLN G 31 -31.02 30.47 15.72
C GLN G 31 -30.46 31.50 16.69
N LYS G 32 -29.70 31.02 17.68
CA LYS G 32 -29.14 31.89 18.71
C LYS G 32 -28.16 32.89 18.11
N ASN G 33 -27.41 32.44 17.12
CA ASN G 33 -26.41 33.30 16.49
C ASN G 33 -26.79 33.79 15.10
N ASN G 34 -28.07 33.60 14.74
CA ASN G 34 -28.62 34.14 13.50
C ASN G 34 -27.83 33.66 12.28
N THR G 35 -27.50 32.37 12.25
CA THR G 35 -26.54 31.85 11.29
C THR G 35 -26.90 30.42 10.87
N ILE G 36 -26.65 30.09 9.62
CA ILE G 36 -26.72 28.69 9.17
C ILE G 36 -25.31 28.19 8.89
N VAL G 37 -25.09 26.89 9.10
CA VAL G 37 -23.77 26.29 8.91
C VAL G 37 -23.85 25.19 7.86
N LEU G 38 -23.17 25.41 6.74
CA LEU G 38 -23.25 24.48 5.62
C LEU G 38 -21.99 23.62 5.49
N PRO G 39 -22.17 22.32 5.28
CA PRO G 39 -21.04 21.40 5.15
C PRO G 39 -20.47 21.43 3.73
N ILE G 40 -19.29 22.01 3.58
CA ILE G 40 -18.66 22.09 2.27
C ILE G 40 -17.29 21.43 2.29
N MET G 41 -17.20 20.26 1.68
CA MET G 41 -15.95 19.51 1.55
C MET G 41 -15.27 19.20 2.89
N GLY G 42 -16.07 18.80 3.88
CA GLY G 42 -15.53 18.39 5.15
C GLY G 42 -15.41 19.53 6.14
N ARG G 43 -15.97 20.68 5.77
CA ARG G 43 -15.84 21.89 6.56
C ARG G 43 -17.19 22.54 6.85
N PRO G 44 -17.44 22.86 8.13
CA PRO G 44 -18.63 23.61 8.53
C PRO G 44 -18.49 25.10 8.19
N VAL G 45 -19.27 25.57 7.22
CA VAL G 45 -19.15 26.95 6.76
C VAL G 45 -20.34 27.79 7.18
N PRO G 46 -20.09 28.84 7.98
CA PRO G 46 -21.16 29.74 8.46
C PRO G 46 -21.62 30.72 7.40
N PHE G 47 -22.92 30.96 7.34
CA PHE G 47 -23.47 32.06 6.55
C PHE G 47 -24.52 32.78 7.37
N HIS G 48 -24.32 34.09 7.54
CA HIS G 48 -25.23 34.89 8.35
C HIS G 48 -26.55 35.07 7.61
N ILE G 49 -27.63 35.21 8.37
CA ILE G 49 -28.96 35.33 7.78
C ILE G 49 -29.14 36.62 6.96
N ASN G 50 -28.38 37.65 7.32
CA ASN G 50 -28.44 38.93 6.60
C ASN G 50 -27.84 38.82 5.20
N THR G 51 -27.26 37.66 4.92
CA THR G 51 -26.60 37.41 3.65
C THR G 51 -27.54 36.59 2.75
N ILE G 52 -28.57 36.01 3.38
CA ILE G 52 -29.46 35.08 2.72
C ILE G 52 -30.81 35.69 2.31
N LYS G 53 -31.21 35.40 1.08
CA LYS G 53 -32.48 35.85 0.51
C LYS G 53 -33.59 34.88 0.92
N ASN G 54 -33.51 33.66 0.41
CA ASN G 54 -34.46 32.59 0.74
C ASN G 54 -33.87 31.21 0.48
N ALA G 55 -34.65 30.19 0.79
CA ALA G 55 -34.29 28.81 0.48
C ALA G 55 -35.48 28.11 -0.16
N SER G 56 -35.21 27.30 -1.18
CA SER G 56 -36.28 26.62 -1.88
C SER G 56 -36.04 25.12 -1.90
N LYS G 57 -37.11 24.37 -1.64
CA LYS G 57 -37.07 22.93 -1.62
C LYS G 57 -37.67 22.39 -2.92
N SER G 58 -37.12 21.30 -3.44
CA SER G 58 -37.64 20.69 -4.66
C SER G 58 -37.41 19.18 -4.69
N ASP G 59 -38.15 18.50 -5.56
CA ASP G 59 -38.03 17.05 -5.70
C ASP G 59 -37.90 16.60 -7.15
N GLU G 60 -36.92 15.73 -7.41
CA GLU G 60 -36.87 14.97 -8.66
C GLU G 60 -36.55 13.52 -8.35
N GLY G 61 -37.59 12.69 -8.40
CA GLY G 61 -37.47 11.29 -8.06
C GLY G 61 -37.45 11.04 -6.55
N GLU G 62 -36.45 10.28 -6.11
CA GLU G 62 -36.30 9.92 -4.71
C GLU G 62 -35.48 10.99 -3.98
N TRP G 63 -34.97 11.96 -4.74
CA TRP G 63 -34.11 12.99 -4.17
C TRP G 63 -34.85 14.30 -3.90
N SER G 64 -34.51 14.93 -2.78
CA SER G 64 -35.00 16.26 -2.47
C SER G 64 -33.85 17.24 -2.63
N PHE G 65 -34.17 18.48 -3.01
CA PHE G 65 -33.12 19.46 -3.25
C PHE G 65 -33.34 20.72 -2.44
N LEU G 66 -32.28 21.19 -1.79
CA LEU G 66 -32.32 22.44 -1.05
C LEU G 66 -31.38 23.44 -1.70
N ARG G 67 -31.97 24.47 -2.28
CA ARG G 67 -31.23 25.56 -2.88
C ARG G 67 -31.31 26.81 -2.00
N ILE G 68 -30.14 27.30 -1.59
CA ILE G 68 -30.07 28.50 -0.77
C ILE G 68 -29.72 29.69 -1.66
N ASN G 69 -30.61 30.68 -1.67
CA ASN G 69 -30.38 31.86 -2.47
C ASN G 69 -29.77 32.96 -1.61
N PHE G 70 -28.69 33.57 -2.10
CA PHE G 70 -28.01 34.60 -1.34
C PHE G 70 -28.29 35.99 -1.91
N LEU G 71 -28.09 37.02 -1.11
CA LEU G 71 -28.20 38.38 -1.60
C LEU G 71 -26.90 38.75 -2.31
N SER G 72 -27.04 39.12 -3.58
CA SER G 72 -25.90 39.43 -4.43
C SER G 72 -26.41 40.38 -5.50
N PRO G 73 -25.49 41.09 -6.18
CA PRO G 73 -25.91 41.94 -7.30
C PRO G 73 -26.74 41.16 -8.31
N GLY G 74 -27.96 41.61 -8.56
CA GLY G 74 -28.88 40.86 -9.40
C GLY G 74 -29.75 39.89 -8.61
N GLN G 83 -20.81 51.38 -2.98
CA GLN G 83 -21.91 50.51 -2.57
C GLN G 83 -21.83 50.22 -1.06
N PRO G 84 -22.87 49.60 -0.48
CA PRO G 84 -22.80 49.43 0.99
C PRO G 84 -21.75 48.45 1.50
N PHE G 85 -21.14 47.65 0.64
CA PHE G 85 -20.11 46.71 1.09
C PHE G 85 -18.71 47.31 1.06
N GLU G 86 -18.57 48.50 0.48
CA GLU G 86 -17.28 49.16 0.31
C GLU G 86 -16.28 48.24 -0.42
N ASP G 87 -16.80 47.45 -1.35
CA ASP G 87 -16.00 46.53 -2.15
C ASP G 87 -16.64 46.42 -3.53
N ALA G 88 -16.30 47.36 -4.40
CA ALA G 88 -16.95 47.45 -5.70
C ALA G 88 -16.66 46.26 -6.60
N SER G 89 -15.50 45.65 -6.43
CA SER G 89 -15.08 44.54 -7.27
C SER G 89 -15.25 43.18 -6.59
N ALA G 90 -16.04 43.15 -5.52
CA ALA G 90 -16.19 41.91 -4.74
C ALA G 90 -16.88 40.81 -5.53
N HIS G 91 -16.42 39.57 -5.33
CA HIS G 91 -17.10 38.41 -5.88
C HIS G 91 -18.14 37.95 -4.86
N PHE G 92 -19.24 37.37 -5.35
CA PHE G 92 -20.30 36.90 -4.46
C PHE G 92 -20.63 35.43 -4.67
N VAL G 93 -21.04 34.76 -3.61
CA VAL G 93 -21.71 33.47 -3.71
C VAL G 93 -23.17 33.76 -4.02
N ARG G 94 -23.66 33.23 -5.13
CA ARG G 94 -25.03 33.48 -5.57
C ARG G 94 -25.97 32.46 -4.97
N SER G 95 -25.57 31.19 -5.00
CA SER G 95 -26.39 30.11 -4.48
C SER G 95 -25.60 28.85 -4.16
N LEU G 96 -26.21 27.97 -3.38
CA LEU G 96 -25.67 26.63 -3.13
C LEU G 96 -26.82 25.63 -3.17
N THR G 97 -26.55 24.44 -3.69
CA THR G 97 -27.60 23.42 -3.78
C THR G 97 -27.14 22.10 -3.18
N PHE G 98 -27.94 21.57 -2.28
CA PHE G 98 -27.67 20.27 -1.67
C PHE G 98 -28.79 19.29 -2.02
N ARG G 99 -28.50 18.00 -1.90
CA ARG G 99 -29.51 16.98 -2.09
C ARG G 99 -29.49 15.95 -0.96
N SER G 100 -30.67 15.46 -0.61
CA SER G 100 -30.80 14.41 0.39
C SER G 100 -32.09 13.63 0.13
N THR G 101 -32.26 12.51 0.82
CA THR G 101 -33.49 11.73 0.70
C THR G 101 -34.55 12.16 1.72
N ASP G 102 -34.12 12.93 2.72
CA ASP G 102 -35.03 13.43 3.74
C ASP G 102 -35.79 14.67 3.26
N GLY G 103 -36.90 14.45 2.57
CA GLY G 103 -37.70 15.54 2.06
C GLY G 103 -38.29 16.46 3.11
N ASP G 104 -38.68 15.89 4.24
CA ASP G 104 -39.30 16.68 5.30
C ASP G 104 -38.32 17.57 6.04
N ARG G 105 -37.08 17.11 6.19
CA ARG G 105 -36.05 17.91 6.85
C ARG G 105 -35.76 19.18 6.06
N TYR G 106 -35.72 19.05 4.74
CA TYR G 106 -35.41 20.20 3.87
C TYR G 106 -36.53 21.24 3.90
N ALA G 107 -37.76 20.78 4.10
CA ALA G 107 -38.90 21.68 4.23
C ALA G 107 -38.80 22.42 5.55
N GLU G 108 -38.34 21.71 6.58
CA GLU G 108 -38.16 22.30 7.89
C GLU G 108 -37.07 23.37 7.86
N ILE G 109 -35.95 23.06 7.23
CA ILE G 109 -34.82 23.99 7.10
C ILE G 109 -35.23 25.26 6.36
N ALA G 110 -35.92 25.09 5.24
CA ALA G 110 -36.41 26.22 4.47
C ALA G 110 -37.38 27.08 5.29
N ASN G 111 -38.17 26.43 6.13
CA ASN G 111 -39.12 27.16 6.97
C ASN G 111 -38.39 27.92 8.09
N GLN G 112 -37.42 27.26 8.72
CA GLN G 112 -36.60 27.88 9.76
C GLN G 112 -35.81 29.09 9.28
N ILE G 113 -35.31 29.04 8.04
CA ILE G 113 -34.56 30.15 7.47
C ILE G 113 -35.49 31.36 7.36
N SER G 114 -36.72 31.13 6.91
CA SER G 114 -37.72 32.19 6.81
C SER G 114 -38.05 32.80 8.17
N ASN G 115 -38.12 31.95 9.21
CA ASN G 115 -38.43 32.42 10.56
C ASN G 115 -37.30 33.27 11.13
N LEU G 116 -36.08 32.95 10.74
CA LEU G 116 -34.92 33.73 11.12
C LEU G 116 -34.95 35.12 10.46
N LYS G 117 -35.35 35.15 9.18
CA LYS G 117 -35.40 36.38 8.38
C LYS G 117 -36.40 37.43 8.84
N ARG G 118 -37.55 37.00 9.36
CA ARG G 118 -38.63 37.93 9.72
C ARG G 118 -38.16 38.89 10.81
N GLU G 119 -37.23 38.44 11.64
CA GLU G 119 -36.56 39.34 12.58
C GLU G 119 -35.60 40.27 11.85
N MET H 4 -4.89 -49.55 22.95
CA MET H 4 -5.77 -50.70 22.73
C MET H 4 -6.85 -50.47 21.68
N ALA H 5 -7.73 -49.51 21.94
CA ALA H 5 -8.91 -49.34 21.09
C ALA H 5 -8.54 -48.82 19.71
N ALA H 6 -9.41 -49.11 18.75
CA ALA H 6 -9.18 -48.68 17.38
C ALA H 6 -9.50 -47.20 17.25
N ILE H 7 -10.71 -46.85 17.68
CA ILE H 7 -11.17 -45.47 17.72
C ILE H 7 -11.32 -44.97 19.16
N GLU H 8 -10.80 -43.78 19.44
CA GLU H 8 -11.13 -43.08 20.67
C GLU H 8 -11.98 -41.86 20.35
N SER H 9 -13.19 -41.84 20.91
CA SER H 9 -14.14 -40.79 20.56
C SER H 9 -14.44 -39.92 21.76
N PHE H 10 -14.70 -38.65 21.50
CA PHE H 10 -14.98 -37.68 22.56
C PHE H 10 -16.12 -36.78 22.09
N ASP H 11 -17.11 -36.59 22.94
CA ASP H 11 -18.30 -35.83 22.54
C ASP H 11 -18.28 -34.40 23.05
N HIS H 12 -19.07 -33.55 22.41
CA HIS H 12 -19.25 -32.15 22.82
C HIS H 12 -17.95 -31.35 22.77
N ILE H 13 -17.25 -31.43 21.65
CA ILE H 13 -15.97 -30.75 21.50
C ILE H 13 -16.07 -29.62 20.46
N TYR H 14 -15.50 -28.46 20.78
CA TYR H 14 -15.50 -27.33 19.86
C TYR H 14 -14.16 -27.26 19.14
N LEU H 15 -14.22 -27.11 17.82
CA LEU H 15 -13.00 -27.03 17.02
C LEU H 15 -12.74 -25.58 16.60
N ASP H 16 -11.58 -25.07 17.02
CA ASP H 16 -11.15 -23.70 16.70
C ASP H 16 -12.20 -22.63 16.97
N LEU H 17 -12.71 -22.62 18.20
CA LEU H 17 -13.72 -21.65 18.64
C LEU H 17 -15.00 -21.76 17.84
N SER H 18 -15.34 -22.99 17.44
CA SER H 18 -16.59 -23.23 16.75
C SER H 18 -17.74 -22.87 17.67
N LYS H 19 -18.79 -22.30 17.08
CA LYS H 19 -19.99 -21.97 17.82
C LYS H 19 -20.78 -23.22 18.18
N GLU H 20 -20.68 -24.23 17.33
CA GLU H 20 -21.37 -25.50 17.58
C GLU H 20 -20.38 -26.61 17.91
N PRO H 21 -20.69 -27.42 18.92
CA PRO H 21 -19.85 -28.55 19.31
C PRO H 21 -19.96 -29.67 18.28
N GLY H 22 -19.16 -30.72 18.45
CA GLY H 22 -19.13 -31.80 17.48
C GLY H 22 -18.46 -33.04 18.06
N LYS H 23 -18.27 -34.05 17.24
CA LYS H 23 -17.69 -35.31 17.70
C LYS H 23 -16.23 -35.41 17.29
N CYS H 24 -15.37 -35.72 18.26
CA CYS H 24 -13.94 -35.82 18.01
C CYS H 24 -13.46 -37.26 18.08
N ARG H 25 -12.93 -37.77 16.98
CA ARG H 25 -12.45 -39.15 16.90
C ARG H 25 -10.95 -39.24 16.67
N PHE H 26 -10.27 -39.97 17.53
CA PHE H 26 -8.84 -40.20 17.38
C PHE H 26 -8.57 -41.62 16.85
N ALA H 27 -7.67 -41.71 15.86
CA ALA H 27 -7.22 -42.99 15.31
C ALA H 27 -5.72 -42.96 15.11
N GLU H 28 -5.15 -44.11 14.77
CA GLU H 28 -3.71 -44.21 14.50
C GLU H 28 -3.19 -43.26 13.43
N ASN H 29 -4.01 -43.00 12.41
CA ASN H 29 -3.55 -42.20 11.26
C ASN H 29 -3.83 -40.70 11.38
N GLY H 30 -4.52 -40.29 12.45
CA GLY H 30 -4.80 -38.87 12.67
C GLY H 30 -6.12 -38.61 13.37
N LEU H 31 -6.62 -37.37 13.28
CA LEU H 31 -7.86 -37.03 13.97
C LEU H 31 -8.91 -36.42 13.04
N GLY H 32 -10.17 -36.66 13.38
CA GLY H 32 -11.27 -36.09 12.62
C GLY H 32 -12.31 -35.50 13.56
N TRP H 33 -12.86 -34.37 13.14
CA TRP H 33 -13.90 -33.69 13.89
C TRP H 33 -15.10 -33.45 12.99
N LYS H 34 -16.29 -33.69 13.52
CA LYS H 34 -17.51 -33.55 12.74
C LYS H 34 -18.52 -32.76 13.58
N PRO H 35 -18.96 -31.62 13.05
CA PRO H 35 -19.91 -30.69 13.70
C PRO H 35 -21.31 -31.26 13.81
N VAL H 36 -22.06 -30.81 14.80
CA VAL H 36 -23.46 -31.18 14.89
C VAL H 36 -24.13 -30.52 13.68
N GLY H 37 -24.39 -31.32 12.66
CA GLY H 37 -25.05 -30.84 11.46
C GLY H 37 -24.29 -29.84 10.60
N GLY H 38 -24.43 -28.56 10.92
CA GLY H 38 -24.05 -27.51 9.99
C GLY H 38 -22.57 -27.19 9.89
N GLY H 39 -21.93 -27.74 8.86
CA GLY H 39 -20.55 -27.42 8.56
C GLY H 39 -19.72 -28.56 8.02
N GLU H 40 -18.53 -28.23 7.54
CA GLU H 40 -17.60 -29.20 6.96
C GLU H 40 -16.80 -29.93 8.04
N THR H 41 -16.51 -31.20 7.82
CA THR H 41 -15.70 -32.00 8.73
C THR H 41 -14.22 -31.63 8.60
N PHE H 42 -13.47 -31.77 9.68
CA PHE H 42 -12.05 -31.42 9.68
C PHE H 42 -11.20 -32.67 9.87
N THR H 43 -10.05 -32.71 9.20
CA THR H 43 -9.15 -33.86 9.26
C THR H 43 -7.71 -33.39 9.45
N LEU H 44 -6.94 -34.16 10.22
CA LEU H 44 -5.52 -33.87 10.42
C LEU H 44 -4.72 -35.17 10.42
N ASP H 45 -3.81 -35.29 9.46
CA ASP H 45 -3.02 -36.52 9.31
C ASP H 45 -1.93 -36.59 10.38
N VAL H 46 -1.62 -37.81 10.82
CA VAL H 46 -0.63 -38.05 11.86
C VAL H 46 0.74 -37.46 11.52
N SER H 47 1.04 -37.37 10.23
CA SER H 47 2.32 -36.85 9.76
C SER H 47 2.51 -35.37 10.06
N ASN H 48 1.41 -34.64 10.29
CA ASN H 48 1.51 -33.22 10.68
C ASN H 48 1.15 -32.97 12.14
N ILE H 49 1.32 -33.98 12.99
CA ILE H 49 1.10 -33.78 14.43
C ILE H 49 2.46 -33.72 15.13
N GLY H 50 2.86 -32.51 15.53
CA GLY H 50 4.18 -32.28 16.09
C GLY H 50 4.21 -32.12 17.60
N GLY H 51 3.08 -31.73 18.18
CA GLY H 51 3.01 -31.50 19.61
C GLY H 51 1.61 -31.21 20.12
N ALA H 52 1.42 -31.27 21.43
CA ALA H 52 0.10 -31.08 22.02
C ALA H 52 0.17 -30.52 23.44
N GLN H 53 -0.74 -29.61 23.75
CA GLN H 53 -0.80 -29.00 25.08
C GLN H 53 -2.17 -29.16 25.70
N TRP H 54 -2.20 -29.36 27.02
CA TRP H 54 -3.44 -29.54 27.76
C TRP H 54 -3.59 -28.40 28.77
N SER H 55 -4.71 -27.70 28.72
CA SER H 55 -4.96 -26.59 29.65
C SER H 55 -6.44 -26.24 29.78
N ARG H 56 -6.77 -25.46 30.79
CA ARG H 56 -8.14 -25.04 31.03
C ARG H 56 -8.50 -23.80 30.22
N ALA H 57 -9.66 -23.83 29.57
CA ALA H 57 -10.11 -22.71 28.75
C ALA H 57 -11.61 -22.53 28.93
N ALA H 58 -12.19 -21.62 28.16
CA ALA H 58 -13.57 -21.19 28.36
C ALA H 58 -14.53 -22.38 28.36
N GLY H 60 -14.67 -25.90 29.05
CA GLY H 60 -13.91 -26.90 29.79
C GLY H 60 -12.42 -26.83 29.50
N TYR H 61 -11.80 -27.98 29.26
CA TYR H 61 -10.40 -28.18 28.92
C TYR H 61 -10.02 -28.27 27.46
N GLU H 62 -8.83 -27.83 27.12
CA GLU H 62 -8.44 -27.69 25.73
C GLU H 62 -7.24 -28.56 25.38
N VAL H 63 -7.33 -29.25 24.25
CA VAL H 63 -6.16 -29.86 23.63
C VAL H 63 -5.73 -28.96 22.49
N LYS H 64 -4.54 -28.39 22.60
CA LYS H 64 -3.99 -27.56 21.54
C LYS H 64 -3.00 -28.38 20.75
N ILE H 65 -3.26 -28.58 19.46
CA ILE H 65 -2.37 -29.37 18.63
C ILE H 65 -1.46 -28.50 17.78
N LEU H 66 -0.16 -28.75 17.91
CA LEU H 66 0.86 -28.03 17.18
C LEU H 66 1.28 -28.85 15.96
N GLN H 67 1.07 -28.28 14.78
CA GLN H 67 1.41 -28.94 13.52
C GLN H 67 2.93 -28.94 13.29
N ARG H 68 3.41 -29.87 12.46
CA ARG H 68 4.82 -29.88 12.07
C ARG H 68 5.08 -28.66 11.21
N THR H 69 4.13 -28.37 10.33
CA THR H 69 4.09 -27.08 9.65
C THR H 69 3.56 -26.05 10.65
N SER H 70 3.59 -24.77 10.31
CA SER H 70 3.19 -23.76 11.29
C SER H 70 1.67 -23.69 11.40
N GLY H 71 1.15 -23.97 12.59
CA GLY H 71 -0.29 -23.91 12.81
C GLY H 71 -0.75 -24.50 14.14
N VAL H 72 -1.88 -24.02 14.64
CA VAL H 72 -2.48 -24.57 15.86
C VAL H 72 -3.92 -25.04 15.66
N ILE H 73 -4.25 -26.20 16.21
CA ILE H 73 -5.62 -26.70 16.21
C ILE H 73 -6.12 -26.73 17.65
N GLN H 74 -7.19 -25.99 17.90
CA GLN H 74 -7.73 -25.88 19.26
C GLN H 74 -9.00 -26.71 19.45
N LEU H 75 -8.93 -27.68 20.36
CA LEU H 75 -10.08 -28.49 20.73
C LEU H 75 -10.39 -28.33 22.21
N ASP H 76 -11.44 -27.60 22.54
CA ASP H 76 -11.84 -27.46 23.95
C ASP H 76 -13.24 -28.03 24.19
N GLY H 77 -13.55 -28.32 25.45
CA GLY H 77 -14.81 -28.92 25.81
C GLY H 77 -14.61 -30.28 26.44
N PHE H 78 -13.34 -30.67 26.58
CA PHE H 78 -13.01 -31.93 27.23
C PHE H 78 -13.27 -31.82 28.73
N GLN H 79 -13.50 -32.96 29.37
CA GLN H 79 -13.62 -32.99 30.81
C GLN H 79 -12.26 -33.26 31.42
N GLN H 80 -12.08 -32.87 32.68
CA GLN H 80 -10.81 -33.07 33.38
C GLN H 80 -10.43 -34.54 33.42
N GLU H 81 -11.44 -35.40 33.48
CA GLU H 81 -11.23 -36.85 33.54
C GLU H 81 -10.67 -37.41 32.23
N ASP H 82 -10.72 -36.62 31.17
CA ASP H 82 -10.35 -37.10 29.84
C ASP H 82 -8.83 -37.12 29.61
N TYR H 83 -8.07 -36.56 30.54
CA TYR H 83 -6.62 -36.39 30.34
C TYR H 83 -5.85 -37.68 30.07
N GLU H 84 -6.07 -38.69 30.91
CA GLU H 84 -5.27 -39.91 30.87
C GLU H 84 -5.47 -40.69 29.56
N ARG H 85 -6.69 -40.65 29.04
CA ARG H 85 -7.00 -41.25 27.75
C ARG H 85 -6.28 -40.51 26.63
N LEU H 86 -6.37 -39.18 26.65
CA LEU H 86 -5.74 -38.33 25.65
C LEU H 86 -4.21 -38.48 25.66
N ALA H 87 -3.64 -38.56 26.85
CA ALA H 87 -2.19 -38.71 26.99
C ALA H 87 -1.72 -40.02 26.36
N LYS H 88 -2.51 -41.08 26.53
CA LYS H 88 -2.19 -42.37 25.93
C LYS H 88 -2.27 -42.32 24.40
N ILE H 89 -3.31 -41.66 23.90
CA ILE H 89 -3.50 -41.49 22.47
C ILE H 89 -2.30 -40.81 21.81
N PHE H 90 -1.93 -39.65 22.32
CA PHE H 90 -0.83 -38.87 21.76
C PHE H 90 0.53 -39.57 21.88
N LYS H 91 0.73 -40.29 22.97
CA LYS H 91 2.00 -40.99 23.18
C LYS H 91 2.11 -42.24 22.31
N ASN H 92 1.09 -43.09 22.36
CA ASN H 92 1.11 -44.37 21.65
C ASN H 92 0.96 -44.24 20.12
N TRP H 93 0.15 -43.28 19.69
CA TRP H 93 -0.13 -43.09 18.26
C TRP H 93 0.69 -41.98 17.60
N TYR H 94 0.88 -40.87 18.31
CA TYR H 94 1.42 -39.67 17.68
C TYR H 94 2.87 -39.35 18.10
N SER H 95 3.46 -40.22 18.92
CA SER H 95 4.83 -40.03 19.40
C SER H 95 4.98 -38.66 20.06
N THR H 96 3.96 -38.27 20.83
CA THR H 96 3.92 -36.95 21.43
C THR H 96 3.50 -36.99 22.89
N ASN H 97 4.19 -36.21 23.72
CA ASN H 97 3.78 -36.03 25.11
C ASN H 97 2.76 -34.91 25.20
N LEU H 98 1.60 -35.21 25.78
CA LEU H 98 0.58 -34.18 26.02
C LEU H 98 1.02 -33.34 27.21
N GLU H 99 1.57 -32.17 26.92
CA GLU H 99 2.15 -31.32 27.96
C GLU H 99 1.08 -30.61 28.78
N ASN H 100 1.20 -30.70 30.10
CA ASN H 100 0.36 -29.91 30.98
C ASN H 100 0.90 -28.49 31.01
N LYS H 101 0.11 -27.55 30.48
CA LYS H 101 0.57 -26.19 30.29
C LYS H 101 -0.32 -25.21 31.04
N GLU H 102 0.03 -24.93 32.30
CA GLU H 102 -0.71 -23.96 33.09
C GLU H 102 -0.54 -22.56 32.55
N HIS H 103 -1.63 -21.79 32.55
CA HIS H 103 -1.57 -20.38 32.18
C HIS H 103 -1.53 -19.51 33.43
N SER H 104 -0.97 -18.31 33.29
CA SER H 104 -0.84 -17.37 34.41
C SER H 104 -2.19 -16.75 34.76
N LEU H 105 -2.48 -16.65 36.06
CA LEU H 105 -3.76 -16.11 36.49
C LEU H 105 -3.64 -14.85 37.38
N ARG H 106 -2.44 -14.31 37.52
CA ARG H 106 -2.24 -13.16 38.41
C ARG H 106 -2.78 -11.84 37.83
N GLY H 107 -2.95 -11.80 36.50
CA GLY H 107 -3.50 -10.62 35.86
C GLY H 107 -2.49 -9.52 35.60
N TRP H 108 -1.22 -9.90 35.46
CA TRP H 108 -0.17 -8.95 35.15
C TRP H 108 -0.14 -8.62 33.66
N ASN H 109 0.40 -7.46 33.33
CA ASN H 109 0.53 -7.04 31.93
C ASN H 109 1.98 -6.86 31.52
N TRP H 110 2.91 -7.38 32.33
CA TRP H 110 4.33 -7.32 31.98
C TRP H 110 4.99 -8.70 31.98
N GLY H 111 5.98 -8.88 31.11
CA GLY H 111 6.65 -10.16 30.97
C GLY H 111 7.44 -10.25 29.68
N LYS H 112 7.14 -11.27 28.87
CA LYS H 112 7.87 -11.48 27.63
C LYS H 112 6.92 -11.85 26.48
N ALA H 113 6.99 -11.10 25.39
CA ALA H 113 6.29 -11.45 24.18
C ALA H 113 7.23 -12.24 23.28
N GLU H 114 6.95 -13.52 23.09
CA GLU H 114 7.86 -14.39 22.36
C GLU H 114 7.25 -14.89 21.06
N PHE H 115 7.98 -14.68 19.97
CA PHE H 115 7.54 -15.15 18.66
C PHE H 115 7.99 -16.58 18.42
N GLY H 116 7.06 -17.51 18.62
CA GLY H 116 7.34 -18.92 18.42
C GLY H 116 7.12 -19.37 16.99
N LYS H 117 6.94 -20.67 16.81
CA LYS H 117 6.77 -21.28 15.51
C LYS H 117 5.41 -20.98 14.87
N ALA H 118 4.35 -21.01 15.67
CA ALA H 118 3.00 -20.82 15.15
C ALA H 118 2.23 -19.72 15.87
N GLU H 119 2.74 -19.27 17.02
CA GLU H 119 2.02 -18.31 17.84
C GLU H 119 2.90 -17.23 18.44
N LEU H 120 2.31 -16.05 18.64
CA LEU H 120 2.92 -15.03 19.47
C LEU H 120 2.40 -15.22 20.89
N THR H 121 3.31 -15.53 21.81
CA THR H 121 2.93 -15.83 23.19
C THR H 121 3.39 -14.70 24.11
N PHE H 122 2.51 -14.30 25.03
CA PHE H 122 2.90 -13.37 26.09
C PHE H 122 3.04 -14.12 27.41
N ASN H 123 4.27 -14.24 27.88
CA ASN H 123 4.57 -15.03 29.07
C ASN H 123 4.72 -14.15 30.31
N VAL H 124 4.12 -14.58 31.41
CA VAL H 124 4.28 -13.91 32.70
C VAL H 124 5.06 -14.83 33.62
N GLN H 125 6.31 -14.48 33.89
CA GLN H 125 7.25 -15.35 34.61
C GLN H 125 7.26 -16.76 34.03
N ASN H 126 7.39 -16.84 32.71
CA ASN H 126 7.51 -18.09 31.95
C ASN H 126 6.25 -18.95 31.88
N ARG H 127 5.10 -18.37 32.22
CA ARG H 127 3.83 -19.03 32.01
C ARG H 127 2.93 -18.15 31.14
N PRO H 128 2.34 -18.74 30.10
CA PRO H 128 1.55 -17.99 29.11
C PRO H 128 0.30 -17.36 29.71
N ALA H 129 0.10 -16.08 29.45
CA ALA H 129 -1.15 -15.43 29.81
C ALA H 129 -2.13 -15.60 28.66
N PHE H 130 -1.62 -15.42 27.44
CA PHE H 130 -2.41 -15.64 26.23
C PHE H 130 -1.55 -15.93 25.00
N GLU H 131 -2.18 -16.47 23.95
CA GLU H 131 -1.47 -16.82 22.73
C GLU H 131 -2.22 -16.29 21.51
N ILE H 132 -1.48 -15.78 20.53
CA ILE H 132 -2.08 -15.31 19.28
C ILE H 132 -1.48 -16.05 18.09
N PRO H 133 -2.29 -16.89 17.43
CA PRO H 133 -1.86 -17.64 16.24
C PRO H 133 -1.57 -16.71 15.08
N TYR H 134 -0.48 -16.95 14.36
CA TYR H 134 -0.06 -16.10 13.24
C TYR H 134 -1.13 -16.02 12.15
N SER H 135 -1.90 -17.09 11.98
CA SER H 135 -2.94 -17.16 10.96
C SER H 135 -4.07 -16.17 11.21
N GLU H 136 -4.19 -15.68 12.45
CA GLU H 136 -5.23 -14.72 12.80
C GLU H 136 -4.81 -13.28 12.53
N ILE H 137 -3.50 -13.05 12.39
CA ILE H 137 -2.96 -11.71 12.32
C ILE H 137 -3.06 -11.10 10.91
N ALA H 138 -3.73 -9.95 10.82
CA ALA H 138 -3.91 -9.27 9.55
C ALA H 138 -2.71 -8.38 9.24
N ASN H 139 -2.21 -7.70 10.27
CA ASN H 139 -1.04 -6.85 10.10
C ASN H 139 -0.20 -6.68 11.36
N THR H 140 1.09 -6.39 11.15
CA THR H 140 2.01 -6.12 12.22
C THR H 140 2.67 -4.79 11.89
N ASN H 141 2.51 -3.83 12.79
CA ASN H 141 2.99 -2.48 12.53
C ASN H 141 3.78 -1.88 13.68
N LEU H 142 4.82 -1.14 13.33
CA LEU H 142 5.54 -0.30 14.28
C LEU H 142 4.66 0.92 14.52
N ALA H 143 4.37 1.17 15.79
CA ALA H 143 3.42 2.23 16.16
C ALA H 143 4.12 3.40 16.82
N GLY H 144 5.42 3.26 17.02
CA GLY H 144 6.22 4.31 17.64
C GLY H 144 7.45 3.66 18.24
N ARG H 145 8.04 4.29 19.25
CA ARG H 145 9.02 3.59 20.07
C ARG H 145 8.39 3.33 21.43
N ASN H 146 8.60 2.14 21.98
CA ASN H 146 9.11 0.97 21.27
C ASN H 146 7.78 0.24 21.23
N GLU H 147 6.98 0.50 20.20
CA GLU H 147 5.65 -0.10 20.19
C GLU H 147 5.25 -0.80 18.89
N ILE H 148 4.72 -2.01 19.05
CA ILE H 148 4.28 -2.85 17.93
C ILE H 148 2.78 -3.04 17.99
N ALA H 149 2.09 -2.82 16.88
CA ALA H 149 0.65 -3.04 16.80
C ALA H 149 0.35 -4.33 16.06
N VAL H 150 -0.47 -5.19 16.66
CA VAL H 150 -0.90 -6.42 16.01
C VAL H 150 -2.39 -6.31 15.72
N GLU H 151 -2.74 -6.27 14.44
CA GLU H 151 -4.11 -6.00 14.04
C GLU H 151 -4.84 -7.21 13.49
N PHE H 152 -6.15 -7.26 13.72
CA PHE H 152 -6.97 -8.36 13.26
C PHE H 152 -8.06 -7.88 12.32
N ALA H 153 -8.59 -8.79 11.51
CA ALA H 153 -9.69 -8.47 10.60
C ALA H 153 -10.89 -9.33 10.91
N PRO H 154 -11.62 -8.99 11.99
CA PRO H 154 -12.77 -9.80 12.39
C PRO H 154 -13.92 -9.65 11.41
N GLY H 155 -13.95 -8.52 10.69
CA GLY H 155 -15.03 -8.22 9.79
C GLY H 155 -14.56 -8.11 8.35
N GLN H 165 -9.50 -8.95 2.48
CA GLN H 165 -8.33 -9.81 2.38
C GLN H 165 -8.40 -10.92 3.44
N VAL H 166 -7.31 -11.09 4.18
CA VAL H 166 -7.22 -12.10 5.23
C VAL H 166 -8.37 -11.93 6.24
N LYS H 167 -8.86 -13.04 6.78
CA LYS H 167 -9.89 -12.99 7.81
C LYS H 167 -9.50 -13.64 9.14
N SER H 168 -9.87 -13.00 10.23
CA SER H 168 -9.56 -13.48 11.58
C SER H 168 -10.88 -14.05 12.09
N LYS H 169 -11.07 -15.36 11.91
CA LYS H 169 -12.25 -16.05 12.44
C LYS H 169 -12.26 -16.24 13.96
N LYS H 170 -11.10 -16.51 14.57
CA LYS H 170 -11.05 -16.71 16.01
C LYS H 170 -11.18 -15.39 16.77
N ALA H 171 -10.77 -14.30 16.13
CA ALA H 171 -10.93 -12.98 16.73
C ALA H 171 -12.40 -12.57 16.78
N SER H 172 -13.19 -13.12 15.86
CA SER H 172 -14.59 -12.74 15.72
C SER H 172 -15.55 -13.80 16.26
N ALA H 173 -15.01 -14.85 16.87
CA ALA H 173 -15.85 -15.94 17.35
C ALA H 173 -16.63 -15.52 18.59
N SER H 174 -16.06 -14.57 19.33
CA SER H 174 -16.71 -14.06 20.52
C SER H 174 -17.67 -12.94 20.14
N ARG H 175 -18.52 -12.54 21.08
CA ARG H 175 -19.41 -11.40 20.90
C ARG H 175 -18.58 -10.14 20.97
N ASP H 176 -17.48 -10.23 21.71
CA ASP H 176 -16.55 -9.13 21.82
C ASP H 176 -15.35 -9.43 20.93
N GLN H 177 -15.35 -8.84 19.75
CA GLN H 177 -14.35 -9.17 18.74
C GLN H 177 -13.05 -8.42 18.96
N LEU H 178 -11.95 -9.15 18.99
CA LEU H 178 -10.64 -8.54 19.18
C LEU H 178 -10.22 -7.81 17.91
N VAL H 179 -9.84 -6.54 18.08
CA VAL H 179 -9.52 -5.68 16.94
C VAL H 179 -8.02 -5.44 16.83
N GLU H 180 -7.38 -5.20 17.96
CA GLU H 180 -5.98 -4.81 17.99
C GLU H 180 -5.32 -5.07 19.35
N ILE H 181 -4.05 -5.45 19.33
CA ILE H 181 -3.25 -5.52 20.56
C ILE H 181 -1.95 -4.76 20.33
N ARG H 182 -1.56 -3.96 21.31
CA ARG H 182 -0.31 -3.21 21.23
C ARG H 182 0.67 -3.64 22.33
N PHE H 183 1.92 -3.87 21.94
CA PHE H 183 2.92 -4.29 22.91
C PHE H 183 4.01 -3.24 23.01
N TYR H 184 4.50 -3.01 24.23
CA TYR H 184 5.71 -2.21 24.40
C TYR H 184 6.88 -3.17 24.55
N ILE H 185 7.76 -3.17 23.55
CA ILE H 185 8.92 -4.06 23.52
C ILE H 185 10.19 -3.27 23.32
N PRO H 186 10.97 -3.08 24.40
CA PRO H 186 12.22 -2.31 24.30
C PRO H 186 13.25 -2.97 23.40
N GLY H 187 14.18 -2.17 22.89
CA GLY H 187 15.16 -2.60 21.90
C GLY H 187 14.88 -3.12 20.50
N THR H 188 13.81 -2.60 19.88
CA THR H 188 13.80 -2.69 18.42
C THR H 188 13.72 -1.27 17.84
N THR H 189 13.75 -0.27 18.72
CA THR H 189 13.91 1.13 18.31
C THR H 189 15.26 1.69 18.73
#